data_1K8V
#
_entry.id   1K8V
#
_entity_poly.entity_id   1
_entity_poly.type   'polypeptide(L)'
_entity_poly.pdbx_seq_one_letter_code
;PDKDFIVNPSDLVLDNKAALRDYLRQINEYFAIIGRPRF(NH2)
;
_entity_poly.pdbx_strand_id   A
#
loop_
_chem_comp.id
_chem_comp.type
_chem_comp.name
_chem_comp.formula
NH2 non-polymer 'AMINO GROUP' 'H2 N'
#
# COMPACT_ATOMS: atom_id res chain seq x y z
N PRO A 1 7.41 14.42 -25.56
CA PRO A 1 7.06 13.64 -24.36
C PRO A 1 8.14 12.62 -24.01
N ASP A 2 9.03 12.99 -23.09
CA ASP A 2 10.11 12.11 -22.68
C ASP A 2 9.62 11.07 -21.67
N LYS A 3 9.23 11.54 -20.49
CA LYS A 3 8.74 10.66 -19.44
C LYS A 3 7.50 9.90 -19.90
N ASP A 4 7.04 8.97 -19.07
CA ASP A 4 5.86 8.18 -19.40
C ASP A 4 4.87 8.17 -18.24
N PHE A 5 5.37 7.96 -17.03
CA PHE A 5 4.53 7.93 -15.84
C PHE A 5 5.15 8.78 -14.72
N ILE A 6 5.05 10.09 -14.86
CA ILE A 6 5.59 11.01 -13.87
C ILE A 6 4.53 11.39 -12.85
N VAL A 7 3.84 10.38 -12.32
CA VAL A 7 2.79 10.60 -11.32
C VAL A 7 1.90 11.79 -11.69
N ASN A 8 1.53 11.86 -12.96
CA ASN A 8 0.68 12.95 -13.44
C ASN A 8 0.40 12.79 -14.94
N PRO A 9 -0.33 11.73 -15.33
CA PRO A 9 -0.67 11.47 -16.72
C PRO A 9 -1.88 12.27 -17.20
N SER A 10 -1.85 13.57 -16.95
CA SER A 10 -2.95 14.45 -17.34
C SER A 10 -4.30 13.88 -16.93
N ASP A 11 -4.30 13.17 -15.81
CA ASP A 11 -5.52 12.56 -15.28
C ASP A 11 -6.25 11.76 -16.35
N LEU A 12 -5.52 10.95 -17.09
CA LEU A 12 -6.10 10.12 -18.15
C LEU A 12 -5.81 8.65 -17.92
N VAL A 13 -5.77 8.26 -16.65
CA VAL A 13 -5.50 6.87 -16.29
C VAL A 13 -5.58 6.68 -14.77
N LEU A 14 -6.73 6.22 -14.30
CA LEU A 14 -6.94 5.99 -12.88
C LEU A 14 -6.77 7.29 -12.09
N ASP A 15 -7.89 7.98 -11.86
CA ASP A 15 -7.87 9.24 -11.13
C ASP A 15 -7.21 9.07 -9.76
N ASN A 16 -7.93 8.46 -8.83
CA ASN A 16 -7.42 8.24 -7.48
C ASN A 16 -7.15 6.76 -7.23
N LYS A 17 -5.90 6.36 -7.39
CA LYS A 17 -5.51 4.97 -7.18
C LYS A 17 -4.01 4.79 -7.41
N ALA A 18 -3.24 5.78 -6.98
CA ALA A 18 -1.79 5.73 -7.13
C ALA A 18 -1.13 4.99 -5.97
N ALA A 19 -1.33 5.52 -4.77
CA ALA A 19 -0.77 4.91 -3.57
C ALA A 19 -1.35 3.53 -3.33
N LEU A 20 -2.62 3.36 -3.67
CA LEU A 20 -3.28 2.07 -3.50
C LEU A 20 -2.47 0.97 -4.15
N ARG A 21 -1.75 1.32 -5.21
CA ARG A 21 -0.91 0.38 -5.92
C ARG A 21 0.41 0.21 -5.19
N ASP A 22 0.88 1.28 -4.58
CA ASP A 22 2.13 1.24 -3.83
C ASP A 22 1.97 0.38 -2.60
N TYR A 23 0.75 0.34 -2.07
CA TYR A 23 0.46 -0.48 -0.90
C TYR A 23 0.75 -1.93 -1.22
N LEU A 24 0.53 -2.29 -2.48
CA LEU A 24 0.79 -3.64 -2.95
C LEU A 24 2.28 -3.84 -3.17
N ARG A 25 2.97 -2.75 -3.49
CA ARG A 25 4.41 -2.79 -3.72
C ARG A 25 5.16 -2.92 -2.40
N GLN A 26 4.55 -2.39 -1.34
CA GLN A 26 5.16 -2.42 -0.02
C GLN A 26 4.56 -3.54 0.83
N ILE A 27 3.40 -4.05 0.41
CA ILE A 27 2.73 -5.13 1.14
C ILE A 27 3.71 -6.25 1.44
N ASN A 28 4.54 -6.58 0.46
CA ASN A 28 5.53 -7.63 0.62
C ASN A 28 6.71 -7.15 1.45
N GLU A 29 6.99 -5.85 1.39
CA GLU A 29 8.09 -5.29 2.16
C GLU A 29 7.61 -4.82 3.53
N TYR A 30 6.54 -5.44 3.99
CA TYR A 30 5.95 -5.15 5.28
C TYR A 30 5.81 -6.43 6.07
N PHE A 31 5.50 -7.50 5.37
CA PHE A 31 5.34 -8.81 5.99
C PHE A 31 6.67 -9.56 5.97
N ALA A 32 7.60 -9.14 5.11
CA ALA A 32 8.90 -9.78 5.01
C ALA A 32 9.66 -9.67 6.33
N ILE A 33 9.42 -8.59 7.06
CA ILE A 33 10.08 -8.35 8.34
C ILE A 33 9.38 -9.09 9.47
N ILE A 34 8.11 -8.76 9.70
CA ILE A 34 7.33 -9.38 10.76
C ILE A 34 7.18 -10.88 10.56
N GLY A 35 7.44 -11.35 9.34
CA GLY A 35 7.33 -12.77 9.06
C GLY A 35 6.90 -13.04 7.64
N ARG A 36 7.86 -13.02 6.72
CA ARG A 36 7.58 -13.26 5.31
C ARG A 36 6.79 -14.56 5.12
N PRO A 37 5.75 -14.53 4.26
CA PRO A 37 4.92 -15.70 3.99
C PRO A 37 5.75 -16.91 3.55
N ARG A 38 5.82 -17.92 4.42
CA ARG A 38 6.58 -19.13 4.12
C ARG A 38 6.44 -20.15 5.25
N PHE A 39 6.47 -21.43 4.90
CA PHE A 39 6.34 -22.49 5.88
C PHE A 39 7.29 -23.64 5.55
N NH2 A 40 8.45 -23.65 6.17
HN1 NH2 A 40 8.66 -22.92 6.79
HN2 NH2 A 40 9.08 -24.38 5.97
N PRO A 1 19.70 20.51 -4.33
CA PRO A 1 18.23 20.52 -4.37
C PRO A 1 17.62 19.66 -3.27
N ASP A 2 16.51 20.11 -2.70
CA ASP A 2 15.84 19.38 -1.64
C ASP A 2 14.53 18.77 -2.13
N LYS A 3 13.90 19.44 -3.09
CA LYS A 3 12.64 18.98 -3.66
C LYS A 3 12.18 19.90 -4.79
N ASP A 4 11.45 19.33 -5.73
CA ASP A 4 10.94 20.09 -6.88
C ASP A 4 9.93 19.27 -7.67
N PHE A 5 10.30 18.04 -7.99
CA PHE A 5 9.42 17.15 -8.75
C PHE A 5 10.04 15.77 -8.88
N ILE A 6 9.94 14.97 -7.81
CA ILE A 6 10.48 13.63 -7.80
C ILE A 6 9.54 12.68 -7.07
N VAL A 7 8.49 12.25 -7.76
CA VAL A 7 7.51 11.33 -7.20
C VAL A 7 6.94 11.88 -5.89
N ASN A 8 6.41 13.10 -5.95
CA ASN A 8 5.82 13.74 -4.79
C ASN A 8 5.30 15.14 -5.14
N PRO A 9 4.33 15.22 -6.06
CA PRO A 9 3.74 16.49 -6.49
C PRO A 9 2.77 17.05 -5.45
N SER A 10 3.32 17.66 -4.40
CA SER A 10 2.51 18.24 -3.33
C SER A 10 1.49 17.24 -2.82
N ASP A 11 1.87 15.96 -2.85
CA ASP A 11 1.00 14.88 -2.40
C ASP A 11 -0.45 15.08 -2.85
N LEU A 12 -0.62 15.58 -4.07
CA LEU A 12 -1.94 15.81 -4.62
C LEU A 12 -1.87 16.36 -6.03
N VAL A 13 -2.17 15.53 -7.01
CA VAL A 13 -2.15 15.93 -8.41
C VAL A 13 -2.72 14.85 -9.32
N LEU A 14 -3.78 14.20 -8.85
CA LEU A 14 -4.43 13.14 -9.62
C LEU A 14 -3.45 11.99 -9.87
N ASP A 15 -2.96 11.38 -8.80
CA ASP A 15 -2.02 10.28 -8.90
C ASP A 15 -2.66 9.05 -9.56
N ASN A 16 -3.98 9.05 -9.67
CA ASN A 16 -4.71 7.95 -10.29
C ASN A 16 -4.57 6.68 -9.45
N LYS A 17 -4.97 6.76 -8.18
CA LYS A 17 -4.90 5.62 -7.27
C LYS A 17 -3.47 5.08 -7.19
N ALA A 18 -2.50 5.97 -7.14
CA ALA A 18 -1.10 5.58 -7.05
C ALA A 18 -0.83 4.78 -5.78
N ALA A 19 -1.35 5.29 -4.66
CA ALA A 19 -1.17 4.62 -3.37
C ALA A 19 -1.76 3.22 -3.38
N LEU A 20 -2.95 3.09 -3.97
CA LEU A 20 -3.62 1.80 -4.06
C LEU A 20 -2.66 0.74 -4.60
N ARG A 21 -1.76 1.18 -5.46
CA ARG A 21 -0.78 0.29 -6.07
C ARG A 21 0.47 0.21 -5.20
N ASP A 22 0.76 1.30 -4.49
CA ASP A 22 1.92 1.36 -3.63
C ASP A 22 1.71 0.47 -2.41
N TYR A 23 0.47 0.39 -1.96
CA TYR A 23 0.13 -0.46 -0.83
C TYR A 23 0.48 -1.90 -1.16
N LEU A 24 0.36 -2.22 -2.43
CA LEU A 24 0.68 -3.56 -2.91
C LEU A 24 2.19 -3.72 -3.04
N ARG A 25 2.87 -2.60 -3.29
CA ARG A 25 4.32 -2.61 -3.43
C ARG A 25 4.98 -2.77 -2.06
N GLN A 26 4.31 -2.28 -1.03
CA GLN A 26 4.82 -2.37 0.33
C GLN A 26 4.22 -3.55 1.07
N ILE A 27 3.11 -4.07 0.56
CA ILE A 27 2.44 -5.21 1.18
C ILE A 27 3.43 -6.33 1.45
N ASN A 28 4.28 -6.59 0.47
CA ASN A 28 5.30 -7.63 0.59
C ASN A 28 6.46 -7.15 1.42
N GLU A 29 6.68 -5.83 1.46
CA GLU A 29 7.77 -5.27 2.25
C GLU A 29 7.27 -4.92 3.65
N TYR A 30 6.26 -5.66 4.10
CA TYR A 30 5.69 -5.49 5.41
C TYR A 30 5.70 -6.82 6.15
N PHE A 31 5.52 -7.90 5.39
CA PHE A 31 5.51 -9.23 5.95
C PHE A 31 6.91 -9.83 5.93
N ALA A 32 7.79 -9.25 5.11
CA ALA A 32 9.17 -9.73 4.99
C ALA A 32 9.91 -9.57 6.32
N ILE A 33 9.90 -8.37 6.85
CA ILE A 33 10.58 -8.09 8.12
C ILE A 33 9.88 -8.78 9.28
N ILE A 34 8.59 -8.50 9.45
CA ILE A 34 7.82 -9.10 10.53
C ILE A 34 7.65 -10.61 10.35
N GLY A 35 7.92 -11.08 9.14
CA GLY A 35 7.79 -12.50 8.86
C GLY A 35 9.12 -13.24 8.92
N ARG A 36 10.15 -12.64 8.32
CA ARG A 36 11.48 -13.23 8.29
C ARG A 36 12.42 -12.52 9.26
N PRO A 37 12.89 -13.22 10.31
CA PRO A 37 13.80 -12.64 11.30
C PRO A 37 15.06 -12.07 10.66
N ARG A 38 15.07 -10.76 10.45
CA ARG A 38 16.22 -10.09 9.85
C ARG A 38 16.17 -8.58 10.09
N PHE A 39 15.95 -8.21 11.36
CA PHE A 39 15.89 -6.81 11.73
C PHE A 39 16.33 -6.60 13.17
N NH2 A 40 17.64 -6.47 13.37
HN1 NH2 A 40 18.24 -6.52 12.59
HN2 NH2 A 40 17.96 -6.34 14.29
N PRO A 1 -10.83 -7.67 -23.24
CA PRO A 1 -9.37 -7.39 -23.22
C PRO A 1 -9.06 -6.08 -22.51
N ASP A 2 -7.83 -5.96 -22.03
CA ASP A 2 -7.40 -4.76 -21.32
C ASP A 2 -8.24 -4.54 -20.07
N LYS A 3 -8.63 -5.63 -19.42
CA LYS A 3 -9.44 -5.56 -18.21
C LYS A 3 -9.68 -6.94 -17.63
N ASP A 4 -8.96 -7.27 -16.56
CA ASP A 4 -9.09 -8.57 -15.92
C ASP A 4 -9.99 -8.46 -14.69
N PHE A 5 -10.94 -7.53 -14.72
CA PHE A 5 -11.85 -7.34 -13.60
C PHE A 5 -12.93 -6.33 -13.95
N ILE A 6 -14.03 -6.82 -14.52
CA ILE A 6 -15.13 -5.97 -14.91
C ILE A 6 -16.09 -5.73 -13.75
N VAL A 7 -15.56 -5.28 -12.62
CA VAL A 7 -16.36 -5.03 -11.44
C VAL A 7 -16.96 -3.63 -11.49
N ASN A 8 -17.66 -3.32 -12.58
CA ASN A 8 -18.30 -2.02 -12.76
C ASN A 8 -17.25 -0.95 -13.10
N PRO A 9 -16.42 -1.20 -14.13
CA PRO A 9 -15.38 -0.26 -14.55
C PRO A 9 -15.95 0.92 -15.33
N SER A 10 -16.70 1.77 -14.63
CA SER A 10 -17.31 2.94 -15.24
C SER A 10 -17.83 3.90 -14.19
N ASP A 11 -17.10 4.00 -13.08
CA ASP A 11 -17.49 4.89 -11.99
C ASP A 11 -16.46 4.83 -10.86
N LEU A 12 -15.19 4.71 -11.24
CA LEU A 12 -14.10 4.65 -10.27
C LEU A 12 -12.76 4.48 -10.98
N VAL A 13 -12.40 5.47 -11.79
CA VAL A 13 -11.14 5.43 -12.53
C VAL A 13 -10.50 6.81 -12.61
N LEU A 14 -10.42 7.49 -11.48
CA LEU A 14 -9.84 8.83 -11.42
C LEU A 14 -9.79 9.34 -9.99
N ASP A 15 -9.48 8.44 -9.05
CA ASP A 15 -9.39 8.80 -7.65
C ASP A 15 -7.95 8.74 -7.15
N ASN A 16 -7.01 8.92 -8.06
CA ASN A 16 -5.59 8.86 -7.72
C ASN A 16 -5.23 7.54 -7.06
N LYS A 17 -4.80 6.59 -7.87
CA LYS A 17 -4.42 5.27 -7.37
C LYS A 17 -2.94 5.21 -7.02
N ALA A 18 -2.44 6.26 -6.36
CA ALA A 18 -1.04 6.32 -5.97
C ALA A 18 -0.71 5.22 -4.97
N ALA A 19 -1.26 5.34 -3.75
CA ALA A 19 -1.02 4.36 -2.71
C ALA A 19 -1.65 3.02 -3.06
N LEU A 20 -2.71 3.06 -3.85
CA LEU A 20 -3.41 1.84 -4.27
C LEU A 20 -2.41 0.85 -4.88
N ARG A 21 -1.43 1.37 -5.61
CA ARG A 21 -0.42 0.54 -6.23
C ARG A 21 0.76 0.31 -5.30
N ASP A 22 0.92 1.20 -4.33
CA ASP A 22 2.01 1.08 -3.38
C ASP A 22 1.64 0.09 -2.29
N TYR A 23 0.34 -0.06 -2.05
CA TYR A 23 -0.14 -1.00 -1.06
C TYR A 23 0.17 -2.42 -1.51
N LEU A 24 0.12 -2.63 -2.82
CA LEU A 24 0.43 -3.92 -3.39
C LEU A 24 1.93 -4.06 -3.60
N ARG A 25 2.62 -2.92 -3.67
CA ARG A 25 4.06 -2.92 -3.85
C ARG A 25 4.79 -2.96 -2.51
N GLN A 26 4.08 -2.56 -1.45
CA GLN A 26 4.66 -2.55 -0.12
C GLN A 26 4.09 -3.68 0.74
N ILE A 27 2.95 -4.21 0.32
CA ILE A 27 2.31 -5.31 1.05
C ILE A 27 3.32 -6.43 1.33
N ASN A 28 4.19 -6.70 0.36
CA ASN A 28 5.20 -7.72 0.51
C ASN A 28 6.38 -7.21 1.31
N GLU A 29 6.61 -5.90 1.26
CA GLU A 29 7.71 -5.30 2.00
C GLU A 29 7.25 -4.89 3.39
N TYR A 30 6.23 -5.58 3.88
CA TYR A 30 5.69 -5.35 5.20
C TYR A 30 5.72 -6.64 6.00
N PHE A 31 5.54 -7.75 5.31
CA PHE A 31 5.57 -9.06 5.93
C PHE A 31 6.99 -9.60 6.00
N ALA A 32 7.88 -9.02 5.20
CA ALA A 32 9.28 -9.46 5.19
C ALA A 32 9.99 -9.04 6.47
N ILE A 33 9.57 -7.92 7.05
CA ILE A 33 10.17 -7.41 8.27
C ILE A 33 9.68 -8.18 9.49
N ILE A 34 8.37 -8.31 9.63
CA ILE A 34 7.78 -9.01 10.76
C ILE A 34 8.31 -10.43 10.89
N GLY A 35 8.81 -10.97 9.78
CA GLY A 35 9.36 -12.31 9.79
C GLY A 35 8.58 -13.27 8.92
N ARG A 36 7.92 -12.73 7.89
CA ARG A 36 7.13 -13.55 6.97
C ARG A 36 5.98 -14.23 7.70
N PRO A 37 4.85 -14.47 7.00
CA PRO A 37 3.68 -15.13 7.58
C PRO A 37 3.90 -16.62 7.80
N ARG A 38 2.96 -17.26 8.49
CA ARG A 38 3.05 -18.68 8.78
C ARG A 38 1.81 -19.17 9.51
N PHE A 39 0.64 -18.81 8.99
CA PHE A 39 -0.63 -19.22 9.59
C PHE A 39 -1.20 -20.45 8.91
N NH2 A 40 -1.42 -21.51 9.68
HN1 NH2 A 40 -1.22 -21.44 10.64
HN2 NH2 A 40 -1.78 -22.32 9.27
N PRO A 1 7.54 10.15 15.48
CA PRO A 1 6.16 10.55 15.17
C PRO A 1 5.95 10.79 13.68
N ASP A 2 4.77 11.27 13.31
CA ASP A 2 4.45 11.54 11.92
C ASP A 2 4.04 13.00 11.72
N LYS A 3 4.24 13.51 10.52
CA LYS A 3 3.89 14.89 10.20
C LYS A 3 2.39 15.13 10.39
N ASP A 4 1.60 14.08 10.18
CA ASP A 4 0.15 14.19 10.33
C ASP A 4 -0.43 15.20 9.35
N PHE A 5 0.22 15.35 8.21
CA PHE A 5 -0.23 16.29 7.18
C PHE A 5 -0.28 17.70 7.72
N ILE A 6 0.82 18.44 7.55
CA ILE A 6 0.91 19.82 8.02
C ILE A 6 1.35 20.75 6.89
N VAL A 7 0.68 20.64 5.75
CA VAL A 7 1.01 21.47 4.60
C VAL A 7 -0.14 21.48 3.58
N ASN A 8 -1.27 22.07 3.99
CA ASN A 8 -2.43 22.15 3.11
C ASN A 8 -3.00 20.76 2.83
N PRO A 9 -3.51 20.09 3.87
CA PRO A 9 -4.09 18.74 3.72
C PRO A 9 -5.46 18.77 3.04
N SER A 10 -5.45 19.09 1.75
CA SER A 10 -6.68 19.15 0.97
C SER A 10 -6.36 19.17 -0.52
N ASP A 11 -5.33 18.43 -0.91
CA ASP A 11 -4.92 18.35 -2.29
C ASP A 11 -3.98 17.17 -2.52
N LEU A 12 -4.24 16.08 -1.79
CA LEU A 12 -3.42 14.89 -1.89
C LEU A 12 -4.18 13.68 -1.35
N VAL A 13 -4.92 13.01 -2.22
CA VAL A 13 -5.69 11.83 -1.83
C VAL A 13 -5.81 10.85 -2.98
N LEU A 14 -4.68 10.27 -3.39
CA LEU A 14 -4.65 9.31 -4.48
C LEU A 14 -5.17 9.94 -5.77
N ASP A 15 -4.32 10.73 -6.42
CA ASP A 15 -4.69 11.40 -7.66
C ASP A 15 -5.01 10.37 -8.74
N ASN A 16 -4.35 9.22 -8.69
CA ASN A 16 -4.58 8.17 -9.67
C ASN A 16 -4.14 6.81 -9.11
N LYS A 17 -4.79 6.39 -8.03
CA LYS A 17 -4.48 5.11 -7.39
C LYS A 17 -3.02 5.07 -6.95
N ALA A 18 -2.57 6.15 -6.32
CA ALA A 18 -1.18 6.24 -5.84
C ALA A 18 -0.88 5.12 -4.85
N ALA A 19 -1.46 5.21 -3.66
CA ALA A 19 -1.24 4.21 -2.63
C ALA A 19 -1.85 2.87 -3.02
N LEU A 20 -2.89 2.91 -3.84
CA LEU A 20 -3.56 1.70 -4.30
C LEU A 20 -2.56 0.73 -4.92
N ARG A 21 -1.53 1.30 -5.55
CA ARG A 21 -0.51 0.49 -6.19
C ARG A 21 0.69 0.30 -5.28
N ASP A 22 0.93 1.29 -4.41
CA ASP A 22 2.04 1.22 -3.47
C ASP A 22 1.76 0.22 -2.38
N TYR A 23 0.48 0.12 -2.02
CA TYR A 23 0.07 -0.83 -1.00
C TYR A 23 0.39 -2.24 -1.46
N LEU A 24 0.32 -2.43 -2.77
CA LEU A 24 0.62 -3.72 -3.37
C LEU A 24 2.13 -3.89 -3.52
N ARG A 25 2.83 -2.76 -3.65
CA ARG A 25 4.27 -2.77 -3.79
C ARG A 25 4.96 -2.92 -2.44
N GLN A 26 4.27 -2.50 -1.38
CA GLN A 26 4.80 -2.58 -0.04
C GLN A 26 4.17 -3.72 0.75
N ILE A 27 3.13 -4.32 0.20
CA ILE A 27 2.44 -5.43 0.86
C ILE A 27 3.44 -6.50 1.30
N ASN A 28 4.36 -6.83 0.40
CA ASN A 28 5.37 -7.84 0.68
C ASN A 28 6.54 -7.23 1.46
N GLU A 29 6.74 -5.92 1.32
CA GLU A 29 7.81 -5.25 2.03
C GLU A 29 7.33 -4.71 3.36
N TYR A 30 6.33 -5.39 3.91
CA TYR A 30 5.76 -5.02 5.19
C TYR A 30 5.72 -6.26 6.09
N PHE A 31 5.48 -7.41 5.49
CA PHE A 31 5.44 -8.66 6.22
C PHE A 31 6.74 -9.44 6.05
N ALA A 32 7.58 -9.00 5.11
CA ALA A 32 8.86 -9.67 4.86
C ALA A 32 9.73 -9.67 6.10
N ILE A 33 9.67 -8.58 6.86
CA ILE A 33 10.46 -8.44 8.07
C ILE A 33 9.67 -8.85 9.31
N ILE A 34 8.66 -8.05 9.63
CA ILE A 34 7.82 -8.32 10.80
C ILE A 34 7.15 -9.69 10.72
N GLY A 35 7.04 -10.21 9.49
CA GLY A 35 6.41 -11.50 9.30
C GLY A 35 7.42 -12.63 9.31
N ARG A 36 7.98 -12.93 8.15
CA ARG A 36 8.97 -14.00 8.01
C ARG A 36 8.35 -15.36 8.36
N PRO A 37 8.65 -16.41 7.58
CA PRO A 37 8.12 -17.75 7.82
C PRO A 37 8.72 -18.41 9.05
N ARG A 38 8.03 -18.28 10.18
CA ARG A 38 8.51 -18.87 11.44
C ARG A 38 8.66 -20.38 11.31
N PHE A 39 9.83 -20.82 10.84
CA PHE A 39 10.09 -22.25 10.67
C PHE A 39 11.09 -22.74 11.72
N NH2 A 40 12.27 -22.13 11.74
HN1 NH2 A 40 12.44 -21.42 11.09
HN2 NH2 A 40 12.93 -22.43 12.41
N PRO A 1 -24.78 -0.69 16.50
CA PRO A 1 -24.96 0.32 15.43
C PRO A 1 -25.06 -0.35 14.06
N ASP A 2 -25.40 0.46 13.05
CA ASP A 2 -25.54 -0.05 11.69
C ASP A 2 -24.23 0.09 10.92
N LYS A 3 -24.00 -0.80 9.97
CA LYS A 3 -22.79 -0.77 9.17
C LYS A 3 -22.82 -1.86 8.10
N ASP A 4 -21.97 -1.72 7.08
CA ASP A 4 -21.90 -2.69 6.00
C ASP A 4 -23.25 -2.79 5.28
N PHE A 5 -24.00 -1.70 5.27
CA PHE A 5 -25.31 -1.67 4.63
C PHE A 5 -25.33 -0.66 3.48
N ILE A 6 -24.41 -0.85 2.52
CA ILE A 6 -24.32 0.04 1.37
C ILE A 6 -24.35 1.51 1.79
N VAL A 7 -23.19 2.02 2.18
CA VAL A 7 -23.07 3.41 2.60
C VAL A 7 -21.65 3.93 2.40
N ASN A 8 -21.27 4.10 1.13
CA ASN A 8 -19.94 4.60 0.80
C ASN A 8 -19.98 5.43 -0.48
N PRO A 9 -18.94 6.26 -0.72
CA PRO A 9 -18.86 7.11 -1.91
C PRO A 9 -18.68 6.32 -3.20
N SER A 10 -19.63 5.42 -3.48
CA SER A 10 -19.58 4.59 -4.68
C SER A 10 -18.20 3.95 -4.84
N ASP A 11 -17.59 3.59 -3.72
CA ASP A 11 -16.27 2.97 -3.73
C ASP A 11 -15.27 3.82 -4.50
N LEU A 12 -15.18 5.09 -4.11
CA LEU A 12 -14.25 6.01 -4.76
C LEU A 12 -13.03 6.27 -3.88
N VAL A 13 -11.97 5.51 -4.11
CA VAL A 13 -10.74 5.65 -3.33
C VAL A 13 -9.53 5.15 -4.13
N LEU A 14 -9.37 5.68 -5.34
CA LEU A 14 -8.25 5.30 -6.20
C LEU A 14 -8.27 6.10 -7.50
N ASP A 15 -7.80 7.33 -7.43
CA ASP A 15 -7.76 8.20 -8.61
C ASP A 15 -6.90 7.59 -9.71
N ASN A 16 -5.57 7.68 -9.53
CA ASN A 16 -4.63 7.14 -10.50
C ASN A 16 -3.80 6.02 -9.89
N LYS A 17 -4.44 5.22 -9.04
CA LYS A 17 -3.76 4.10 -8.39
C LYS A 17 -2.47 4.56 -7.72
N ALA A 18 -2.50 5.74 -7.12
CA ALA A 18 -1.33 6.28 -6.43
C ALA A 18 -0.89 5.37 -5.31
N ALA A 19 -1.60 5.42 -4.19
CA ALA A 19 -1.28 4.60 -3.03
C ALA A 19 -1.93 3.22 -3.14
N LEU A 20 -3.01 3.14 -3.94
CA LEU A 20 -3.71 1.88 -4.13
C LEU A 20 -2.77 0.81 -4.68
N ARG A 21 -1.77 1.25 -5.43
CA ARG A 21 -0.81 0.35 -6.03
C ARG A 21 0.45 0.26 -5.17
N ASP A 22 0.77 1.35 -4.49
CA ASP A 22 1.94 1.38 -3.62
C ASP A 22 1.70 0.56 -2.38
N TYR A 23 0.46 0.54 -1.92
CA TYR A 23 0.10 -0.25 -0.75
C TYR A 23 0.35 -1.71 -1.03
N LEU A 24 0.21 -2.08 -2.30
CA LEU A 24 0.44 -3.45 -2.74
C LEU A 24 1.93 -3.69 -2.91
N ARG A 25 2.67 -2.61 -3.21
CA ARG A 25 4.11 -2.70 -3.39
C ARG A 25 4.82 -2.80 -2.04
N GLN A 26 4.19 -2.22 -1.02
CA GLN A 26 4.76 -2.23 0.32
C GLN A 26 4.19 -3.38 1.15
N ILE A 27 3.05 -3.90 0.72
CA ILE A 27 2.41 -5.02 1.41
C ILE A 27 3.42 -6.13 1.70
N ASN A 28 4.22 -6.43 0.69
CA ASN A 28 5.23 -7.47 0.80
C ASN A 28 6.43 -6.97 1.59
N GLU A 29 6.64 -5.65 1.58
CA GLU A 29 7.76 -5.07 2.31
C GLU A 29 7.33 -4.68 3.73
N TYR A 30 6.34 -5.41 4.23
CA TYR A 30 5.81 -5.19 5.56
C TYR A 30 5.78 -6.50 6.33
N PHE A 31 5.55 -7.59 5.60
CA PHE A 31 5.51 -8.91 6.19
C PHE A 31 6.75 -9.71 5.81
N ALA A 32 7.55 -9.19 4.87
CA ALA A 32 8.75 -9.87 4.44
C ALA A 32 9.78 -9.95 5.56
N ILE A 33 9.75 -8.96 6.45
CA ILE A 33 10.67 -8.92 7.57
C ILE A 33 10.04 -9.45 8.84
N ILE A 34 9.07 -8.71 9.38
CA ILE A 34 8.39 -9.11 10.60
C ILE A 34 7.50 -10.32 10.39
N GLY A 35 7.16 -10.60 9.14
CA GLY A 35 6.32 -11.74 8.83
C GLY A 35 7.11 -12.97 8.46
N ARG A 36 8.20 -13.20 9.18
CA ARG A 36 9.06 -14.36 8.93
C ARG A 36 9.63 -14.91 10.23
N PRO A 37 8.93 -15.87 10.86
CA PRO A 37 9.36 -16.46 12.13
C PRO A 37 10.63 -17.30 11.96
N ARG A 38 11.77 -16.62 11.78
CA ARG A 38 13.04 -17.30 11.60
C ARG A 38 13.40 -18.10 12.85
N PHE A 39 13.74 -19.37 12.65
CA PHE A 39 14.10 -20.25 13.76
C PHE A 39 15.61 -20.24 13.98
N NH2 A 40 16.04 -20.65 15.18
HN1 NH2 A 40 15.37 -20.93 15.84
HN2 NH2 A 40 17.01 -20.66 15.35
N PRO A 1 -12.02 20.51 -17.28
CA PRO A 1 -10.57 20.85 -17.28
C PRO A 1 -10.35 22.35 -17.21
N ASP A 2 -10.81 23.06 -18.24
CA ASP A 2 -10.66 24.51 -18.30
C ASP A 2 -11.66 25.12 -19.28
N LYS A 3 -12.52 26.00 -18.77
CA LYS A 3 -13.52 26.65 -19.60
C LYS A 3 -14.33 27.67 -18.79
N ASP A 4 -14.84 27.22 -17.65
CA ASP A 4 -15.62 28.09 -16.77
C ASP A 4 -15.85 27.43 -15.42
N PHE A 5 -16.41 26.22 -15.44
CA PHE A 5 -16.68 25.48 -14.21
C PHE A 5 -17.11 24.05 -14.53
N ILE A 6 -16.13 23.17 -14.73
CA ILE A 6 -16.40 21.77 -15.04
C ILE A 6 -15.23 20.89 -14.63
N VAL A 7 -15.22 20.47 -13.37
CA VAL A 7 -14.16 19.62 -12.85
C VAL A 7 -14.74 18.43 -12.09
N ASN A 8 -15.71 17.75 -12.71
CA ASN A 8 -16.34 16.59 -12.09
C ASN A 8 -16.59 15.49 -13.11
N PRO A 9 -15.54 15.07 -13.84
CA PRO A 9 -15.65 14.02 -14.86
C PRO A 9 -15.91 12.65 -14.25
N SER A 10 -17.18 12.31 -14.11
CA SER A 10 -17.57 11.02 -13.55
C SER A 10 -17.10 10.89 -12.10
N ASP A 11 -17.24 11.96 -11.33
CA ASP A 11 -16.82 11.97 -9.94
C ASP A 11 -15.35 11.62 -9.80
N LEU A 12 -14.50 12.36 -10.50
CA LEU A 12 -13.06 12.13 -10.47
C LEU A 12 -12.34 13.35 -9.86
N VAL A 13 -12.01 13.24 -8.58
CA VAL A 13 -11.33 14.33 -7.89
C VAL A 13 -10.47 13.79 -6.74
N LEU A 14 -9.25 13.37 -7.07
CA LEU A 14 -8.34 12.83 -6.07
C LEU A 14 -8.91 11.57 -5.42
N ASP A 15 -8.77 10.44 -6.12
CA ASP A 15 -9.27 9.17 -5.61
C ASP A 15 -8.18 8.40 -4.87
N ASN A 16 -7.14 9.12 -4.44
CA ASN A 16 -6.04 8.51 -3.70
C ASN A 16 -5.60 7.19 -4.33
N LYS A 17 -5.33 7.22 -5.63
CA LYS A 17 -4.91 6.02 -6.36
C LYS A 17 -3.39 5.97 -6.47
N ALA A 18 -2.71 6.42 -5.43
CA ALA A 18 -1.26 6.41 -5.40
C ALA A 18 -0.74 5.23 -4.59
N ALA A 19 -1.14 5.17 -3.32
CA ALA A 19 -0.72 4.09 -2.44
C ALA A 19 -1.46 2.79 -2.77
N LEU A 20 -2.58 2.90 -3.46
CA LEU A 20 -3.36 1.73 -3.83
C LEU A 20 -2.49 0.74 -4.61
N ARG A 21 -1.59 1.27 -5.43
CA ARG A 21 -0.70 0.45 -6.22
C ARG A 21 0.57 0.13 -5.45
N ASP A 22 0.99 1.06 -4.61
CA ASP A 22 2.20 0.87 -3.81
C ASP A 22 1.94 -0.15 -2.73
N TYR A 23 0.70 -0.21 -2.26
CA TYR A 23 0.32 -1.18 -1.24
C TYR A 23 0.53 -2.58 -1.78
N LEU A 24 0.35 -2.72 -3.09
CA LEU A 24 0.54 -4.00 -3.75
C LEU A 24 2.01 -4.26 -4.00
N ARG A 25 2.77 -3.18 -4.18
CA ARG A 25 4.21 -3.28 -4.41
C ARG A 25 4.97 -3.45 -3.11
N GLN A 26 4.37 -2.96 -2.02
CA GLN A 26 4.98 -3.05 -0.70
C GLN A 26 4.39 -4.20 0.11
N ILE A 27 3.39 -4.89 -0.45
CA ILE A 27 2.76 -6.00 0.24
C ILE A 27 3.79 -6.98 0.76
N ASN A 28 4.77 -7.30 -0.07
CA ASN A 28 5.84 -8.21 0.30
C ASN A 28 6.87 -7.52 1.16
N GLU A 29 7.01 -6.21 0.98
CA GLU A 29 7.97 -5.44 1.77
C GLU A 29 7.30 -4.91 3.04
N TYR A 30 6.29 -5.63 3.47
CA TYR A 30 5.56 -5.30 4.68
C TYR A 30 5.60 -6.48 5.64
N PHE A 31 5.60 -7.68 5.08
CA PHE A 31 5.66 -8.90 5.86
C PHE A 31 7.10 -9.24 6.21
N ALA A 32 8.04 -8.67 5.47
CA ALA A 32 9.45 -8.93 5.72
C ALA A 32 9.86 -8.49 7.13
N ILE A 33 9.28 -7.38 7.58
CA ILE A 33 9.57 -6.86 8.91
C ILE A 33 8.77 -7.58 9.99
N ILE A 34 7.45 -7.38 9.97
CA ILE A 34 6.56 -7.98 10.94
C ILE A 34 6.56 -9.50 10.82
N GLY A 35 7.06 -10.02 9.71
CA GLY A 35 7.10 -11.46 9.51
C GLY A 35 7.79 -12.18 10.64
N ARG A 36 8.70 -11.49 11.32
CA ARG A 36 9.44 -12.08 12.43
C ARG A 36 9.65 -11.04 13.54
N PRO A 37 8.63 -10.83 14.39
CA PRO A 37 8.73 -9.87 15.50
C PRO A 37 9.88 -10.18 16.44
N ARG A 38 10.04 -9.34 17.45
CA ARG A 38 11.12 -9.53 18.43
C ARG A 38 11.05 -8.47 19.53
N PHE A 39 10.20 -8.71 20.52
CA PHE A 39 10.03 -7.77 21.63
C PHE A 39 9.56 -6.41 21.13
N NH2 A 40 9.32 -5.49 22.06
HN1 NH2 A 40 9.46 -5.73 23.00
HN2 NH2 A 40 9.02 -4.61 21.77
N PRO A 1 -21.81 9.98 20.95
CA PRO A 1 -20.93 8.84 21.32
C PRO A 1 -19.76 8.70 20.36
N ASP A 2 -18.86 7.77 20.66
CA ASP A 2 -17.68 7.54 19.83
C ASP A 2 -18.01 6.58 18.69
N LYS A 3 -17.00 6.23 17.90
CA LYS A 3 -17.17 5.32 16.78
C LYS A 3 -15.83 4.90 16.20
N ASP A 4 -15.07 5.88 15.72
CA ASP A 4 -13.76 5.62 15.13
C ASP A 4 -13.04 6.92 14.79
N PHE A 5 -13.79 7.88 14.26
CA PHE A 5 -13.23 9.18 13.88
C PHE A 5 -12.16 9.01 12.81
N ILE A 6 -12.57 9.11 11.55
CA ILE A 6 -11.65 8.97 10.43
C ILE A 6 -11.77 10.15 9.47
N VAL A 7 -11.54 11.35 9.98
CA VAL A 7 -11.62 12.56 9.18
C VAL A 7 -10.31 12.85 8.46
N ASN A 8 -9.80 11.85 7.74
CA ASN A 8 -8.55 12.01 7.00
C ASN A 8 -8.71 11.53 5.56
N PRO A 9 -7.90 12.07 4.63
CA PRO A 9 -7.96 11.70 3.21
C PRO A 9 -7.24 10.38 2.93
N SER A 10 -7.59 9.34 3.69
CA SER A 10 -6.98 8.02 3.52
C SER A 10 -5.46 8.12 3.53
N ASP A 11 -4.93 8.96 4.42
CA ASP A 11 -3.49 9.14 4.55
C ASP A 11 -2.90 9.71 3.26
N LEU A 12 -3.57 10.70 2.69
CA LEU A 12 -3.11 11.33 1.45
C LEU A 12 -3.02 10.32 0.32
N VAL A 13 -4.03 10.33 -0.55
CA VAL A 13 -4.08 9.41 -1.68
C VAL A 13 -4.91 9.98 -2.82
N LEU A 14 -4.35 10.98 -3.50
CA LEU A 14 -5.03 11.62 -4.61
C LEU A 14 -4.09 11.82 -5.79
N ASP A 15 -3.81 10.74 -6.51
CA ASP A 15 -2.91 10.80 -7.65
C ASP A 15 -3.17 9.63 -8.60
N ASN A 16 -4.43 9.46 -9.00
CA ASN A 16 -4.84 8.38 -9.91
C ASN A 16 -4.18 7.06 -9.53
N LYS A 17 -4.81 6.34 -8.61
CA LYS A 17 -4.29 5.04 -8.17
C LYS A 17 -2.86 5.17 -7.67
N ALA A 18 -2.63 6.12 -6.77
CA ALA A 18 -1.31 6.33 -6.20
C ALA A 18 -0.94 5.22 -5.22
N ALA A 19 -1.49 5.30 -4.02
CA ALA A 19 -1.21 4.30 -2.99
C ALA A 19 -1.89 2.97 -3.31
N LEU A 20 -2.87 3.00 -4.21
CA LEU A 20 -3.59 1.79 -4.60
C LEU A 20 -2.63 0.71 -5.08
N ARG A 21 -1.55 1.14 -5.73
CA ARG A 21 -0.55 0.21 -6.24
C ARG A 21 0.63 0.11 -5.29
N ASP A 22 0.92 1.20 -4.60
CA ASP A 22 2.01 1.24 -3.65
C ASP A 22 1.69 0.42 -2.42
N TYR A 23 0.43 0.44 -2.02
CA TYR A 23 -0.01 -0.33 -0.88
C TYR A 23 0.23 -1.81 -1.13
N LEU A 24 0.13 -2.18 -2.41
CA LEU A 24 0.35 -3.55 -2.82
C LEU A 24 1.85 -3.81 -2.96
N ARG A 25 2.61 -2.75 -3.22
CA ARG A 25 4.05 -2.85 -3.37
C ARG A 25 4.73 -2.91 -2.01
N GLN A 26 4.09 -2.31 -1.01
CA GLN A 26 4.63 -2.28 0.33
C GLN A 26 4.07 -3.42 1.18
N ILE A 27 2.92 -3.95 0.76
CA ILE A 27 2.28 -5.06 1.48
C ILE A 27 3.28 -6.19 1.70
N ASN A 28 4.05 -6.49 0.66
CA ASN A 28 5.04 -7.54 0.73
C ASN A 28 6.31 -7.07 1.41
N GLU A 29 6.55 -5.76 1.38
CA GLU A 29 7.74 -5.20 2.02
C GLU A 29 7.42 -4.79 3.45
N TYR A 30 6.45 -5.48 4.03
CA TYR A 30 6.04 -5.24 5.39
C TYR A 30 6.08 -6.55 6.17
N PHE A 31 5.74 -7.64 5.48
CA PHE A 31 5.75 -8.95 6.08
C PHE A 31 7.11 -9.62 5.91
N ALA A 32 7.92 -9.09 4.99
CA ALA A 32 9.25 -9.63 4.75
C ALA A 32 10.09 -9.66 6.03
N ILE A 33 9.91 -8.64 6.87
CA ILE A 33 10.64 -8.54 8.12
C ILE A 33 9.90 -9.23 9.26
N ILE A 34 8.74 -8.71 9.61
CA ILE A 34 7.94 -9.26 10.69
C ILE A 34 7.58 -10.73 10.42
N GLY A 35 7.62 -11.12 9.15
CA GLY A 35 7.30 -12.47 8.78
C GLY A 35 8.50 -13.40 8.85
N ARG A 36 9.26 -13.47 7.77
CA ARG A 36 10.45 -14.32 7.71
C ARG A 36 11.45 -13.77 6.71
N PRO A 37 12.74 -14.15 6.85
CA PRO A 37 13.80 -13.69 5.96
C PRO A 37 13.53 -14.07 4.50
N ARG A 38 14.49 -13.78 3.63
CA ARG A 38 14.36 -14.09 2.21
C ARG A 38 15.65 -13.79 1.47
N PHE A 39 16.31 -14.84 0.98
CA PHE A 39 17.55 -14.69 0.24
C PHE A 39 17.51 -15.48 -1.06
N NH2 A 40 18.36 -15.09 -2.01
HN1 NH2 A 40 18.95 -14.33 -1.83
HN2 NH2 A 40 18.36 -15.58 -2.86
N PRO A 1 16.78 7.02 -5.54
CA PRO A 1 15.33 6.98 -5.24
C PRO A 1 15.06 6.66 -3.77
N ASP A 2 15.77 5.67 -3.25
CA ASP A 2 15.62 5.27 -1.85
C ASP A 2 16.69 5.91 -0.98
N LYS A 3 16.83 7.23 -1.10
CA LYS A 3 17.82 7.97 -0.32
C LYS A 3 17.53 7.87 1.17
N ASP A 4 16.26 7.64 1.52
CA ASP A 4 15.86 7.52 2.91
C ASP A 4 16.01 8.86 3.64
N PHE A 5 15.33 9.88 3.12
CA PHE A 5 15.40 11.22 3.71
C PHE A 5 14.13 12.01 3.38
N ILE A 6 13.10 11.82 4.20
CA ILE A 6 11.83 12.51 4.00
C ILE A 6 11.35 12.38 2.55
N VAL A 7 10.71 11.25 2.25
CA VAL A 7 10.21 10.99 0.91
C VAL A 7 8.81 11.59 0.73
N ASN A 8 8.69 12.88 0.99
CA ASN A 8 7.41 13.56 0.85
C ASN A 8 7.41 14.48 -0.38
N PRO A 9 6.79 14.03 -1.49
CA PRO A 9 6.74 14.81 -2.73
C PRO A 9 5.93 16.10 -2.56
N SER A 10 6.50 17.05 -1.84
CA SER A 10 5.83 18.34 -1.62
C SER A 10 4.53 18.15 -0.83
N ASP A 11 4.55 17.22 0.11
CA ASP A 11 3.38 16.95 0.94
C ASP A 11 2.13 16.74 0.10
N LEU A 12 2.28 16.02 -1.01
CA LEU A 12 1.16 15.75 -1.91
C LEU A 12 1.45 14.57 -2.82
N VAL A 13 0.72 13.48 -2.63
CA VAL A 13 0.91 12.28 -3.44
C VAL A 13 -0.36 11.44 -3.49
N LEU A 14 -1.25 11.78 -4.41
CA LEU A 14 -2.51 11.06 -4.56
C LEU A 14 -3.24 11.52 -5.82
N ASP A 15 -2.53 11.55 -6.93
CA ASP A 15 -3.11 11.96 -8.20
C ASP A 15 -4.25 11.02 -8.61
N ASN A 16 -3.99 9.73 -8.56
CA ASN A 16 -5.00 8.74 -8.94
C ASN A 16 -4.62 7.35 -8.43
N LYS A 17 -5.25 6.94 -7.32
CA LYS A 17 -4.99 5.64 -6.72
C LYS A 17 -3.49 5.33 -6.65
N ALA A 18 -2.70 6.31 -6.23
CA ALA A 18 -1.27 6.15 -6.11
C ALA A 18 -0.92 5.06 -5.10
N ALA A 19 -1.31 5.26 -3.85
CA ALA A 19 -1.05 4.31 -2.79
C ALA A 19 -1.59 2.93 -3.15
N LEU A 20 -2.62 2.90 -3.99
CA LEU A 20 -3.22 1.65 -4.41
C LEU A 20 -2.16 0.70 -4.97
N ARG A 21 -1.20 1.27 -5.70
CA ARG A 21 -0.12 0.49 -6.28
C ARG A 21 1.01 0.31 -5.28
N ASP A 22 1.09 1.20 -4.31
CA ASP A 22 2.13 1.13 -3.29
C ASP A 22 1.75 0.09 -2.24
N TYR A 23 0.45 -0.08 -2.04
CA TYR A 23 -0.04 -1.06 -1.08
C TYR A 23 0.33 -2.45 -1.55
N LEU A 24 0.34 -2.64 -2.86
CA LEU A 24 0.70 -3.91 -3.44
C LEU A 24 2.21 -3.99 -3.59
N ARG A 25 2.88 -2.84 -3.58
CA ARG A 25 4.32 -2.78 -3.70
C ARG A 25 4.97 -2.93 -2.33
N GLN A 26 4.24 -2.57 -1.28
CA GLN A 26 4.72 -2.67 0.08
C GLN A 26 4.13 -3.88 0.80
N ILE A 27 3.16 -4.54 0.17
CA ILE A 27 2.53 -5.71 0.75
C ILE A 27 3.57 -6.72 1.23
N ASN A 28 4.55 -6.97 0.38
CA ASN A 28 5.62 -7.90 0.69
C ASN A 28 6.64 -7.26 1.61
N GLU A 29 6.76 -5.94 1.55
CA GLU A 29 7.70 -5.23 2.40
C GLU A 29 7.03 -4.81 3.71
N TYR A 30 6.04 -5.60 4.11
CA TYR A 30 5.32 -5.37 5.34
C TYR A 30 5.30 -6.64 6.18
N PHE A 31 5.27 -7.77 5.50
CA PHE A 31 5.27 -9.07 6.16
C PHE A 31 6.64 -9.74 6.04
N ALA A 32 7.50 -9.18 5.20
CA ALA A 32 8.84 -9.73 5.00
C ALA A 32 9.70 -9.54 6.23
N ILE A 33 9.88 -8.28 6.64
CA ILE A 33 10.68 -7.94 7.80
C ILE A 33 9.87 -8.04 9.09
N ILE A 34 8.61 -7.59 9.03
CA ILE A 34 7.74 -7.61 10.19
C ILE A 34 6.86 -8.86 10.22
N GLY A 35 7.34 -9.93 9.59
CA GLY A 35 6.57 -11.16 9.56
C GLY A 35 7.45 -12.39 9.57
N ARG A 36 7.81 -12.88 8.40
CA ARG A 36 8.65 -14.07 8.27
C ARG A 36 10.08 -13.78 8.75
N PRO A 37 10.49 -14.37 9.87
CA PRO A 37 11.84 -14.17 10.43
C PRO A 37 12.93 -14.64 9.47
N ARG A 38 14.00 -13.86 9.36
CA ARG A 38 15.11 -14.21 8.49
C ARG A 38 16.24 -13.19 8.60
N PHE A 39 17.45 -13.62 8.29
CA PHE A 39 18.62 -12.74 8.36
C PHE A 39 18.82 -12.22 9.77
N NH2 A 40 18.55 -13.06 10.76
HN1 NH2 A 40 18.25 -13.96 10.53
HN2 NH2 A 40 18.67 -12.75 11.68
N PRO A 1 12.94 18.48 8.06
CA PRO A 1 11.59 18.12 8.55
C PRO A 1 11.62 16.88 9.44
N ASP A 2 10.50 16.60 10.09
CA ASP A 2 10.40 15.43 10.97
C ASP A 2 9.10 14.66 10.71
N LYS A 3 9.08 13.89 9.63
CA LYS A 3 7.91 13.11 9.27
C LYS A 3 8.17 12.27 8.03
N ASP A 4 7.97 10.96 8.15
CA ASP A 4 8.18 10.05 7.05
C ASP A 4 7.37 8.77 7.23
N PHE A 5 6.06 8.92 7.36
CA PHE A 5 5.17 7.78 7.55
C PHE A 5 3.78 8.08 6.99
N ILE A 6 3.61 7.90 5.69
CA ILE A 6 2.33 8.15 5.04
C ILE A 6 1.56 6.86 4.83
N VAL A 7 1.64 5.96 5.81
CA VAL A 7 0.95 4.68 5.73
C VAL A 7 -0.30 4.68 6.62
N ASN A 8 -1.07 5.75 6.54
CA ASN A 8 -2.29 5.88 7.34
C ASN A 8 -3.49 6.17 6.44
N PRO A 9 -4.70 6.20 7.03
CA PRO A 9 -5.93 6.47 6.30
C PRO A 9 -6.20 7.96 6.15
N SER A 10 -5.17 8.71 5.77
CA SER A 10 -5.30 10.14 5.59
C SER A 10 -4.99 10.53 4.14
N ASP A 11 -5.34 9.64 3.22
CA ASP A 11 -5.11 9.87 1.81
C ASP A 11 -6.19 9.20 0.97
N LEU A 12 -7.42 9.22 1.47
CA LEU A 12 -8.54 8.62 0.77
C LEU A 12 -8.86 9.38 -0.51
N VAL A 13 -8.07 9.13 -1.56
CA VAL A 13 -8.26 9.79 -2.83
C VAL A 13 -7.72 8.93 -3.97
N LEU A 14 -8.56 8.04 -4.48
CA LEU A 14 -8.18 7.14 -5.56
C LEU A 14 -8.31 7.84 -6.91
N ASP A 15 -7.68 9.01 -7.02
CA ASP A 15 -7.72 9.79 -8.25
C ASP A 15 -7.22 8.96 -9.44
N ASN A 16 -6.06 8.33 -9.27
CA ASN A 16 -5.48 7.50 -10.32
C ASN A 16 -4.63 6.39 -9.74
N LYS A 17 -5.08 5.83 -8.62
CA LYS A 17 -4.37 4.74 -7.96
C LYS A 17 -2.92 5.13 -7.66
N ALA A 18 -2.74 6.26 -6.99
CA ALA A 18 -1.42 6.74 -6.64
C ALA A 18 -1.05 6.36 -5.21
N ALA A 19 -1.51 5.19 -4.78
CA ALA A 19 -1.23 4.68 -3.45
C ALA A 19 -1.75 3.27 -3.28
N LEU A 20 -3.01 3.05 -3.67
CA LEU A 20 -3.61 1.73 -3.58
C LEU A 20 -2.69 0.71 -4.25
N ARG A 21 -1.92 1.18 -5.24
CA ARG A 21 -0.99 0.34 -5.95
C ARG A 21 0.32 0.23 -5.19
N ASP A 22 0.70 1.33 -4.55
CA ASP A 22 1.93 1.36 -3.76
C ASP A 22 1.78 0.46 -2.55
N TYR A 23 0.57 0.35 -2.05
CA TYR A 23 0.29 -0.51 -0.90
C TYR A 23 0.67 -1.94 -1.25
N LEU A 24 0.53 -2.26 -2.53
CA LEU A 24 0.88 -3.59 -3.02
C LEU A 24 2.39 -3.73 -3.13
N ARG A 25 3.05 -2.60 -3.39
CA ARG A 25 4.50 -2.59 -3.52
C ARG A 25 5.17 -2.74 -2.15
N GLN A 26 4.41 -2.41 -1.09
CA GLN A 26 4.93 -2.50 0.26
C GLN A 26 4.26 -3.65 1.02
N ILE A 27 3.11 -4.11 0.53
CA ILE A 27 2.39 -5.20 1.16
C ILE A 27 3.32 -6.37 1.47
N ASN A 28 4.19 -6.69 0.50
CA ASN A 28 5.14 -7.78 0.67
C ASN A 28 6.33 -7.32 1.50
N GLU A 29 6.60 -6.03 1.49
CA GLU A 29 7.72 -5.49 2.26
C GLU A 29 7.25 -5.07 3.65
N TYR A 30 6.21 -5.74 4.10
CA TYR A 30 5.64 -5.49 5.42
C TYR A 30 5.60 -6.80 6.21
N PHE A 31 5.36 -7.89 5.49
CA PHE A 31 5.30 -9.20 6.10
C PHE A 31 6.67 -9.88 6.07
N ALA A 32 7.55 -9.38 5.19
CA ALA A 32 8.89 -9.93 5.07
C ALA A 32 9.75 -9.57 6.26
N ILE A 33 9.67 -8.30 6.69
CA ILE A 33 10.45 -7.82 7.82
C ILE A 33 9.99 -8.47 9.13
N ILE A 34 8.69 -8.47 9.35
CA ILE A 34 8.11 -9.05 10.56
C ILE A 34 8.49 -10.52 10.70
N GLY A 35 8.86 -11.15 9.60
CA GLY A 35 9.24 -12.54 9.62
C GLY A 35 8.03 -13.47 9.51
N ARG A 36 7.19 -13.21 8.53
CA ARG A 36 5.99 -14.02 8.31
C ARG A 36 5.06 -13.96 9.52
N PRO A 37 3.74 -14.08 9.29
CA PRO A 37 2.74 -14.05 10.36
C PRO A 37 2.76 -15.30 11.22
N ARG A 38 3.12 -15.15 12.50
CA ARG A 38 3.18 -16.28 13.42
C ARG A 38 1.79 -16.88 13.63
N PHE A 39 1.75 -18.07 14.21
CA PHE A 39 0.48 -18.75 14.48
C PHE A 39 -0.29 -18.98 13.19
N NH2 A 40 -1.52 -19.48 13.31
HN1 NH2 A 40 -1.85 -19.66 14.21
HN2 NH2 A 40 -2.04 -19.64 12.50
N PRO A 1 -17.46 27.14 5.51
CA PRO A 1 -15.99 27.37 5.42
C PRO A 1 -15.63 28.09 4.12
N ASP A 2 -15.17 29.32 4.24
CA ASP A 2 -14.78 30.12 3.08
C ASP A 2 -13.54 29.53 2.41
N LYS A 3 -13.15 30.09 1.27
CA LYS A 3 -11.98 29.62 0.54
C LYS A 3 -11.73 30.48 -0.69
N ASP A 4 -10.96 31.54 -0.52
CA ASP A 4 -10.64 32.44 -1.62
C ASP A 4 -9.18 32.87 -1.58
N PHE A 5 -8.32 31.98 -1.08
CA PHE A 5 -6.90 32.27 -0.98
C PHE A 5 -6.09 30.99 -0.85
N ILE A 6 -6.48 29.96 -1.61
CA ILE A 6 -5.80 28.67 -1.57
C ILE A 6 -5.90 27.97 -2.93
N VAL A 7 -5.51 28.68 -3.98
CA VAL A 7 -5.56 28.13 -5.33
C VAL A 7 -4.27 27.38 -5.66
N ASN A 8 -3.92 26.42 -4.81
CA ASN A 8 -2.70 25.62 -5.01
C ASN A 8 -3.02 24.31 -5.71
N PRO A 9 -2.66 24.18 -7.01
CA PRO A 9 -2.92 22.95 -7.77
C PRO A 9 -1.95 21.83 -7.39
N SER A 10 -2.22 21.19 -6.26
CA SER A 10 -1.38 20.10 -5.80
C SER A 10 -2.07 19.31 -4.69
N ASP A 11 -3.39 19.15 -4.83
CA ASP A 11 -4.18 18.42 -3.85
C ASP A 11 -5.57 18.12 -4.39
N LEU A 12 -5.65 17.87 -5.69
CA LEU A 12 -6.91 17.58 -6.36
C LEU A 12 -6.75 17.58 -7.87
N VAL A 13 -6.04 16.58 -8.38
CA VAL A 13 -5.81 16.46 -9.82
C VAL A 13 -5.72 15.00 -10.25
N LEU A 14 -6.71 14.21 -9.87
CA LEU A 14 -6.75 12.79 -10.22
C LEU A 14 -5.55 12.06 -9.63
N ASP A 15 -5.73 11.49 -8.44
CA ASP A 15 -4.66 10.75 -7.78
C ASP A 15 -4.18 9.59 -8.64
N ASN A 16 -5.09 9.04 -9.45
CA ASN A 16 -4.76 7.93 -10.32
C ASN A 16 -4.37 6.69 -9.53
N LYS A 17 -5.05 6.48 -8.40
CA LYS A 17 -4.78 5.33 -7.54
C LYS A 17 -3.28 5.17 -7.30
N ALA A 18 -2.64 6.20 -6.76
CA ALA A 18 -1.21 6.16 -6.49
C ALA A 18 -0.88 5.15 -5.40
N ALA A 19 -1.43 5.39 -4.20
CA ALA A 19 -1.18 4.50 -3.07
C ALA A 19 -1.70 3.09 -3.35
N LEU A 20 -2.74 3.00 -4.17
CA LEU A 20 -3.31 1.70 -4.52
C LEU A 20 -2.23 0.75 -5.03
N ARG A 21 -1.23 1.32 -5.70
CA ARG A 21 -0.13 0.53 -6.22
C ARG A 21 0.94 0.33 -5.16
N ASP A 22 1.07 1.30 -4.27
CA ASP A 22 2.05 1.23 -3.20
C ASP A 22 1.63 0.17 -2.18
N TYR A 23 0.33 0.00 -2.03
CA TYR A 23 -0.20 -0.98 -1.11
C TYR A 23 0.27 -2.37 -1.53
N LEU A 24 0.40 -2.55 -2.84
CA LEU A 24 0.86 -3.79 -3.40
C LEU A 24 2.38 -3.89 -3.33
N ARG A 25 3.03 -2.72 -3.31
CA ARG A 25 4.48 -2.66 -3.24
C ARG A 25 4.96 -2.68 -1.79
N GLN A 26 4.06 -2.40 -0.85
CA GLN A 26 4.40 -2.40 0.55
C GLN A 26 3.80 -3.60 1.28
N ILE A 27 2.74 -4.15 0.70
CA ILE A 27 2.07 -5.32 1.29
C ILE A 27 3.08 -6.42 1.59
N ASN A 28 4.01 -6.64 0.66
CA ASN A 28 5.02 -7.66 0.83
C ASN A 28 6.23 -7.11 1.59
N GLU A 29 6.41 -5.80 1.54
CA GLU A 29 7.52 -5.16 2.24
C GLU A 29 7.10 -4.74 3.64
N TYR A 30 6.13 -5.46 4.18
CA TYR A 30 5.62 -5.19 5.51
C TYR A 30 5.64 -6.49 6.32
N PHE A 31 5.37 -7.59 5.64
CA PHE A 31 5.35 -8.90 6.27
C PHE A 31 6.65 -9.65 5.96
N ALA A 32 7.46 -9.11 5.06
CA ALA A 32 8.71 -9.74 4.68
C ALA A 32 9.74 -9.65 5.82
N ILE A 33 9.83 -8.48 6.44
CA ILE A 33 10.77 -8.26 7.52
C ILE A 33 10.29 -8.90 8.83
N ILE A 34 9.21 -8.35 9.39
CA ILE A 34 8.66 -8.86 10.63
C ILE A 34 8.20 -10.31 10.50
N GLY A 35 8.01 -10.76 9.27
CA GLY A 35 7.58 -12.12 9.04
C GLY A 35 8.60 -13.15 9.50
N ARG A 36 9.78 -13.13 8.87
CA ARG A 36 10.84 -14.06 9.22
C ARG A 36 12.15 -13.32 9.49
N PRO A 37 12.56 -13.23 10.77
CA PRO A 37 13.80 -12.55 11.16
C PRO A 37 15.04 -13.36 10.78
N ARG A 38 16.22 -12.78 11.00
CA ARG A 38 17.47 -13.45 10.69
C ARG A 38 17.66 -14.69 11.56
N PHE A 39 18.32 -15.69 11.00
CA PHE A 39 18.56 -16.94 11.72
C PHE A 39 17.24 -17.59 12.15
N NH2 A 40 16.23 -17.47 11.30
HN1 NH2 A 40 16.37 -16.98 10.46
HN2 NH2 A 40 15.37 -17.88 11.54
N PRO A 1 -20.18 20.37 9.35
CA PRO A 1 -18.84 19.96 8.85
C PRO A 1 -18.72 18.43 8.78
N ASP A 2 -17.49 17.96 8.64
CA ASP A 2 -17.23 16.53 8.57
C ASP A 2 -15.75 16.22 8.77
N LYS A 3 -15.37 15.98 10.03
CA LYS A 3 -13.99 15.68 10.36
C LYS A 3 -13.51 14.42 9.62
N ASP A 4 -12.19 14.31 9.46
CA ASP A 4 -11.61 13.15 8.78
C ASP A 4 -10.90 12.24 9.77
N PHE A 5 -11.41 12.19 11.00
CA PHE A 5 -10.82 11.36 12.03
C PHE A 5 -11.87 10.97 13.08
N ILE A 6 -12.62 9.92 12.80
CA ILE A 6 -13.65 9.45 13.71
C ILE A 6 -13.70 7.92 13.76
N VAL A 7 -12.52 7.31 13.85
CA VAL A 7 -12.42 5.85 13.90
C VAL A 7 -13.34 5.18 12.89
N ASN A 8 -13.40 5.74 11.68
CA ASN A 8 -14.24 5.21 10.62
C ASN A 8 -13.42 4.93 9.36
N PRO A 9 -12.93 3.68 9.20
CA PRO A 9 -12.13 3.30 8.04
C PRO A 9 -12.97 3.28 6.76
N SER A 10 -13.41 4.46 6.33
CA SER A 10 -14.21 4.59 5.13
C SER A 10 -13.94 5.92 4.44
N ASP A 11 -12.68 6.35 4.50
CA ASP A 11 -12.28 7.61 3.89
C ASP A 11 -10.78 7.63 3.62
N LEU A 12 -10.24 6.46 3.28
CA LEU A 12 -8.82 6.32 2.99
C LEU A 12 -8.60 5.59 1.68
N VAL A 13 -9.44 5.88 0.70
CA VAL A 13 -9.35 5.25 -0.62
C VAL A 13 -10.04 6.09 -1.68
N LEU A 14 -9.40 7.21 -2.05
CA LEU A 14 -9.95 8.11 -3.06
C LEU A 14 -9.00 9.28 -3.32
N ASP A 15 -8.18 9.15 -4.35
CA ASP A 15 -7.23 10.19 -4.71
C ASP A 15 -6.82 10.08 -6.18
N ASN A 16 -6.01 9.07 -6.49
CA ASN A 16 -5.55 8.86 -7.86
C ASN A 16 -4.80 7.53 -7.97
N LYS A 17 -5.29 6.53 -7.26
CA LYS A 17 -4.67 5.20 -7.27
C LYS A 17 -3.17 5.29 -6.97
N ALA A 18 -2.81 6.18 -6.07
CA ALA A 18 -1.43 6.38 -5.69
C ALA A 18 -0.95 5.26 -4.78
N ALA A 19 -1.37 5.30 -3.52
CA ALA A 19 -1.00 4.29 -2.54
C ALA A 19 -1.66 2.96 -2.84
N LEU A 20 -2.78 2.99 -3.56
CA LEU A 20 -3.51 1.77 -3.90
C LEU A 20 -2.59 0.78 -4.61
N ARG A 21 -1.62 1.30 -5.36
CA ARG A 21 -0.69 0.46 -6.08
C ARG A 21 0.58 0.24 -5.27
N ASP A 22 0.93 1.22 -4.46
CA ASP A 22 2.13 1.13 -3.63
C ASP A 22 1.91 0.14 -2.51
N TYR A 23 0.68 0.08 -2.02
CA TYR A 23 0.32 -0.85 -0.96
C TYR A 23 0.57 -2.27 -1.44
N LEU A 24 0.37 -2.47 -2.73
CA LEU A 24 0.58 -3.78 -3.34
C LEU A 24 2.07 -3.98 -3.62
N ARG A 25 2.78 -2.87 -3.82
CA ARG A 25 4.20 -2.93 -4.09
C ARG A 25 5.00 -3.11 -2.80
N GLN A 26 4.42 -2.65 -1.69
CA GLN A 26 5.06 -2.77 -0.40
C GLN A 26 4.42 -3.85 0.46
N ILE A 27 3.36 -4.47 -0.07
CA ILE A 27 2.65 -5.53 0.65
C ILE A 27 3.62 -6.62 1.07
N ASN A 28 4.51 -7.00 0.16
CA ASN A 28 5.50 -8.03 0.43
C ASN A 28 6.66 -7.47 1.22
N GLU A 29 6.93 -6.17 1.04
CA GLU A 29 8.02 -5.53 1.77
C GLU A 29 7.52 -4.97 3.10
N TYR A 30 6.48 -5.59 3.60
CA TYR A 30 5.88 -5.21 4.86
C TYR A 30 5.82 -6.42 5.79
N PHE A 31 5.63 -7.59 5.19
CA PHE A 31 5.57 -8.83 5.94
C PHE A 31 6.96 -9.44 6.08
N ALA A 32 7.89 -9.00 5.25
CA ALA A 32 9.26 -9.50 5.29
C ALA A 32 9.87 -9.30 6.68
N ILE A 33 9.52 -8.19 7.31
CA ILE A 33 10.04 -7.86 8.63
C ILE A 33 9.09 -8.32 9.74
N ILE A 34 7.93 -7.67 9.81
CA ILE A 34 6.93 -8.00 10.82
C ILE A 34 6.42 -9.43 10.67
N GLY A 35 6.60 -9.99 9.48
CA GLY A 35 6.15 -11.34 9.22
C GLY A 35 7.31 -12.32 9.13
N ARG A 36 8.18 -12.31 10.13
CA ARG A 36 9.34 -13.20 10.15
C ARG A 36 8.89 -14.66 10.29
N PRO A 37 9.30 -15.54 9.35
CA PRO A 37 8.93 -16.95 9.39
C PRO A 37 9.65 -17.71 10.51
N ARG A 38 8.93 -18.01 11.58
CA ARG A 38 9.49 -18.73 12.71
C ARG A 38 10.62 -17.92 13.37
N PHE A 39 10.76 -18.05 14.68
CA PHE A 39 11.79 -17.33 15.42
C PHE A 39 12.51 -18.26 16.38
N NH2 A 40 11.76 -19.04 17.15
HN1 NH2 A 40 10.79 -18.97 17.06
HN2 NH2 A 40 12.20 -19.65 17.78
N PRO A 1 -9.62 11.80 -3.78
CA PRO A 1 -8.72 12.97 -3.65
C PRO A 1 -9.28 14.00 -2.67
N ASP A 2 -8.72 14.03 -1.46
CA ASP A 2 -9.16 14.95 -0.43
C ASP A 2 -7.97 15.55 0.32
N LYS A 3 -7.51 16.71 -0.12
CA LYS A 3 -6.37 17.38 0.51
C LYS A 3 -5.13 16.51 0.44
N ASP A 4 -4.94 15.85 -0.70
CA ASP A 4 -3.78 14.99 -0.91
C ASP A 4 -3.04 15.37 -2.18
N PHE A 5 -3.17 16.63 -2.60
CA PHE A 5 -2.51 17.12 -3.79
C PHE A 5 -2.40 18.64 -3.76
N ILE A 6 -1.31 19.13 -3.18
CA ILE A 6 -1.08 20.57 -3.09
C ILE A 6 -0.31 21.07 -4.30
N VAL A 7 -0.75 20.69 -5.49
CA VAL A 7 -0.09 21.09 -6.73
C VAL A 7 -1.02 20.94 -7.93
N ASN A 8 -1.80 21.98 -8.20
CA ASN A 8 -2.73 21.96 -9.33
C ASN A 8 -3.79 20.88 -9.15
N PRO A 9 -4.58 20.95 -8.06
CA PRO A 9 -5.62 19.96 -7.78
C PRO A 9 -6.83 20.12 -8.71
N SER A 10 -6.60 20.00 -10.01
CA SER A 10 -7.66 20.13 -10.98
C SER A 10 -7.60 19.00 -12.00
N ASP A 11 -7.20 17.82 -11.52
CA ASP A 11 -7.11 16.64 -12.37
C ASP A 11 -6.03 16.82 -13.44
N LEU A 12 -4.77 16.63 -13.04
CA LEU A 12 -3.65 16.76 -13.95
C LEU A 12 -2.37 16.25 -13.30
N VAL A 13 -2.50 15.21 -12.50
CA VAL A 13 -1.37 14.61 -11.81
C VAL A 13 -1.79 13.35 -11.06
N LEU A 14 -1.85 12.23 -11.76
CA LEU A 14 -2.23 10.97 -11.16
C LEU A 14 -3.69 11.01 -10.70
N ASP A 15 -4.58 10.51 -11.56
CA ASP A 15 -6.01 10.51 -11.25
C ASP A 15 -6.28 9.92 -9.87
N ASN A 16 -6.11 8.60 -9.75
CA ASN A 16 -6.33 7.91 -8.48
C ASN A 16 -5.76 6.50 -8.51
N LYS A 17 -4.48 6.37 -8.19
CA LYS A 17 -3.82 5.08 -8.17
C LYS A 17 -2.41 5.18 -7.58
N ALA A 18 -2.27 6.05 -6.58
CA ALA A 18 -0.99 6.25 -5.92
C ALA A 18 -0.74 5.16 -4.88
N ALA A 19 -1.50 5.20 -3.80
CA ALA A 19 -1.37 4.22 -2.73
C ALA A 19 -1.98 2.88 -3.14
N LEU A 20 -2.95 2.92 -4.05
CA LEU A 20 -3.61 1.71 -4.52
C LEU A 20 -2.58 0.72 -5.07
N ARG A 21 -1.48 1.24 -5.61
CA ARG A 21 -0.44 0.41 -6.16
C ARG A 21 0.71 0.25 -5.18
N ASP A 22 0.90 1.25 -4.34
CA ASP A 22 1.97 1.22 -3.35
C ASP A 22 1.60 0.27 -2.22
N TYR A 23 0.32 0.19 -1.92
CA TYR A 23 -0.16 -0.70 -0.88
C TYR A 23 0.14 -2.13 -1.27
N LEU A 24 0.12 -2.38 -2.57
CA LEU A 24 0.43 -3.69 -3.10
C LEU A 24 1.94 -3.90 -3.19
N ARG A 25 2.65 -2.79 -3.37
CA ARG A 25 4.10 -2.82 -3.46
C ARG A 25 4.73 -2.92 -2.07
N GLN A 26 4.03 -2.40 -1.08
CA GLN A 26 4.50 -2.42 0.29
C GLN A 26 3.95 -3.63 1.05
N ILE A 27 2.87 -4.21 0.53
CA ILE A 27 2.26 -5.38 1.16
C ILE A 27 3.31 -6.45 1.45
N ASN A 28 4.18 -6.68 0.49
CA ASN A 28 5.23 -7.66 0.62
C ASN A 28 6.41 -7.10 1.41
N GLU A 29 6.59 -5.79 1.36
CA GLU A 29 7.66 -5.15 2.09
C GLU A 29 7.20 -4.73 3.48
N TYR A 30 6.21 -5.44 3.98
CA TYR A 30 5.66 -5.20 5.29
C TYR A 30 5.66 -6.48 6.11
N PHE A 31 5.49 -7.61 5.41
CA PHE A 31 5.49 -8.90 6.05
C PHE A 31 6.85 -9.59 5.88
N ALA A 32 7.68 -9.07 4.99
CA ALA A 32 8.99 -9.65 4.75
C ALA A 32 9.89 -9.50 5.97
N ILE A 33 9.80 -8.36 6.63
CA ILE A 33 10.61 -8.08 7.81
C ILE A 33 10.05 -8.75 9.06
N ILE A 34 8.92 -8.22 9.55
CA ILE A 34 8.28 -8.77 10.74
C ILE A 34 7.90 -10.23 10.56
N GLY A 35 7.81 -10.67 9.30
CA GLY A 35 7.44 -12.05 9.03
C GLY A 35 8.40 -13.04 9.67
N ARG A 36 9.67 -12.66 9.74
CA ARG A 36 10.69 -13.53 10.33
C ARG A 36 10.79 -14.84 9.56
N PRO A 37 11.41 -14.81 8.36
CA PRO A 37 11.58 -15.98 7.51
C PRO A 37 12.51 -17.02 8.15
N ARG A 38 12.09 -17.57 9.29
CA ARG A 38 12.89 -18.57 9.99
C ARG A 38 12.20 -19.00 11.28
N PHE A 39 12.86 -19.85 12.05
CA PHE A 39 12.32 -20.34 13.31
C PHE A 39 12.95 -19.63 14.50
N NH2 A 40 12.14 -18.88 15.23
HN1 NH2 A 40 11.19 -18.83 14.98
HN2 NH2 A 40 12.53 -18.41 16.01
N PRO A 1 0.85 4.16 11.76
CA PRO A 1 2.24 4.52 12.16
C PRO A 1 2.50 6.01 12.01
N ASP A 2 3.19 6.59 12.99
CA ASP A 2 3.52 8.00 12.97
C ASP A 2 2.24 8.86 12.97
N LYS A 3 2.37 10.09 13.44
CA LYS A 3 1.23 11.01 13.49
C LYS A 3 0.67 11.26 12.09
N ASP A 4 -0.55 11.76 12.03
CA ASP A 4 -1.20 12.05 10.75
C ASP A 4 -2.22 13.18 10.90
N PHE A 5 -1.92 14.13 11.79
CA PHE A 5 -2.80 15.27 12.01
C PHE A 5 -2.06 16.59 11.81
N ILE A 6 -1.21 16.62 10.79
CA ILE A 6 -0.44 17.82 10.48
C ILE A 6 -0.96 18.51 9.23
N VAL A 7 -2.28 18.66 9.15
CA VAL A 7 -2.92 19.30 8.01
C VAL A 7 -2.37 18.77 6.69
N ASN A 8 -2.68 17.51 6.39
CA ASN A 8 -2.21 16.88 5.16
C ASN A 8 -2.97 15.58 4.91
N PRO A 9 -4.08 15.64 4.14
CA PRO A 9 -4.88 14.46 3.82
C PRO A 9 -4.19 13.53 2.83
N SER A 10 -3.01 13.04 3.19
CA SER A 10 -2.25 12.14 2.32
C SER A 10 -2.10 12.73 0.92
N ASP A 11 -1.88 14.04 0.86
CA ASP A 11 -1.72 14.73 -0.41
C ASP A 11 -2.96 14.57 -1.28
N LEU A 12 -4.09 15.08 -0.78
CA LEU A 12 -5.35 15.00 -1.50
C LEU A 12 -5.33 15.91 -2.73
N VAL A 13 -4.67 15.45 -3.78
CA VAL A 13 -4.57 16.22 -5.01
C VAL A 13 -4.43 15.31 -6.23
N LEU A 14 -5.48 14.54 -6.51
CA LEU A 14 -5.48 13.62 -7.64
C LEU A 14 -4.37 12.58 -7.48
N ASP A 15 -4.62 11.57 -6.66
CA ASP A 15 -3.65 10.51 -6.41
C ASP A 15 -3.49 9.63 -7.66
N ASN A 16 -4.56 9.51 -8.43
CA ASN A 16 -4.54 8.70 -9.64
C ASN A 16 -4.24 7.24 -9.32
N LYS A 17 -4.79 6.76 -8.22
CA LYS A 17 -4.59 5.38 -7.78
C LYS A 17 -3.10 5.08 -7.63
N ALA A 18 -2.36 6.06 -7.13
CA ALA A 18 -0.92 5.91 -6.94
C ALA A 18 -0.63 5.05 -5.72
N ALA A 19 -1.10 5.49 -4.56
CA ALA A 19 -0.87 4.76 -3.31
C ALA A 19 -1.53 3.38 -3.37
N LEU A 20 -2.71 3.30 -3.98
CA LEU A 20 -3.41 2.03 -4.09
C LEU A 20 -2.48 0.95 -4.64
N ARG A 21 -1.56 1.37 -5.50
CA ARG A 21 -0.59 0.45 -6.08
C ARG A 21 0.54 0.21 -5.11
N ASP A 22 0.86 1.24 -4.33
CA ASP A 22 1.92 1.13 -3.34
C ASP A 22 1.50 0.20 -2.21
N TYR A 23 0.20 0.13 -1.99
CA TYR A 23 -0.35 -0.74 -0.96
C TYR A 23 0.02 -2.18 -1.27
N LEU A 24 0.04 -2.49 -2.57
CA LEU A 24 0.39 -3.81 -3.03
C LEU A 24 1.90 -3.99 -3.02
N ARG A 25 2.61 -2.88 -3.16
CA ARG A 25 4.07 -2.90 -3.16
C ARG A 25 4.61 -2.94 -1.73
N GLN A 26 3.84 -2.37 -0.81
CA GLN A 26 4.24 -2.34 0.59
C GLN A 26 3.78 -3.60 1.32
N ILE A 27 2.72 -4.20 0.82
CA ILE A 27 2.18 -5.42 1.41
C ILE A 27 3.29 -6.47 1.54
N ASN A 28 4.10 -6.57 0.50
CA ASN A 28 5.20 -7.51 0.48
C ASN A 28 6.39 -6.98 1.28
N GLU A 29 6.49 -5.65 1.38
CA GLU A 29 7.56 -5.05 2.14
C GLU A 29 7.16 -4.84 3.58
N TYR A 30 6.23 -5.66 4.03
CA TYR A 30 5.74 -5.63 5.39
C TYR A 30 5.93 -6.99 6.03
N PHE A 31 5.80 -8.03 5.21
CA PHE A 31 5.97 -9.40 5.68
C PHE A 31 7.45 -9.77 5.70
N ALA A 32 8.25 -9.04 4.92
CA ALA A 32 9.69 -9.30 4.87
C ALA A 32 10.33 -9.16 6.24
N ILE A 33 9.96 -8.10 6.95
CA ILE A 33 10.50 -7.83 8.28
C ILE A 33 9.84 -8.71 9.33
N ILE A 34 8.55 -8.50 9.54
CA ILE A 34 7.79 -9.27 10.52
C ILE A 34 7.87 -10.77 10.24
N GLY A 35 8.03 -11.11 8.97
CA GLY A 35 8.12 -12.50 8.57
C GLY A 35 9.26 -13.23 9.26
N ARG A 36 10.43 -12.61 9.27
CA ARG A 36 11.61 -13.20 9.90
C ARG A 36 11.96 -14.53 9.23
N PRO A 37 12.37 -14.49 7.95
CA PRO A 37 12.74 -15.70 7.20
C PRO A 37 13.74 -16.55 7.95
N ARG A 38 13.30 -17.73 8.39
CA ARG A 38 14.16 -18.65 9.12
C ARG A 38 15.34 -19.08 8.27
N PHE A 39 16.49 -18.45 8.49
CA PHE A 39 17.70 -18.77 7.74
C PHE A 39 18.85 -19.10 8.68
N NH2 A 40 18.55 -19.76 9.80
HN1 NH2 A 40 17.61 -19.99 9.94
HN2 NH2 A 40 19.28 -19.98 10.42
N PRO A 1 6.27 -23.44 -11.66
CA PRO A 1 4.94 -22.89 -11.98
C PRO A 1 4.38 -22.06 -10.82
N ASP A 2 3.26 -21.39 -11.07
CA ASP A 2 2.63 -20.57 -10.04
C ASP A 2 1.98 -21.43 -8.97
N LYS A 3 1.24 -22.45 -9.41
CA LYS A 3 0.56 -23.36 -8.49
C LYS A 3 -0.43 -22.59 -7.61
N ASP A 4 -1.05 -21.57 -8.18
CA ASP A 4 -2.02 -20.76 -7.45
C ASP A 4 -3.05 -20.15 -8.40
N PHE A 5 -3.40 -20.90 -9.44
CA PHE A 5 -4.38 -20.44 -10.41
C PHE A 5 -3.85 -19.23 -11.18
N ILE A 6 -3.28 -19.48 -12.34
CA ILE A 6 -2.72 -18.40 -13.17
C ILE A 6 -3.81 -17.80 -14.07
N VAL A 7 -4.92 -17.41 -13.47
CA VAL A 7 -6.01 -16.80 -14.20
C VAL A 7 -5.89 -15.29 -14.22
N ASN A 8 -4.77 -14.80 -14.72
CA ASN A 8 -4.51 -13.37 -14.80
C ASN A 8 -4.40 -12.76 -13.40
N PRO A 9 -3.90 -11.51 -13.31
CA PRO A 9 -3.74 -10.82 -12.02
C PRO A 9 -5.03 -10.19 -11.52
N SER A 10 -6.11 -10.97 -11.52
CA SER A 10 -7.41 -10.47 -11.07
C SER A 10 -7.78 -9.17 -11.75
N ASP A 11 -7.46 -9.06 -13.03
CA ASP A 11 -7.75 -7.86 -13.81
C ASP A 11 -7.05 -6.64 -13.20
N LEU A 12 -5.73 -6.70 -13.11
CA LEU A 12 -4.95 -5.62 -12.55
C LEU A 12 -4.66 -4.55 -13.61
N VAL A 13 -5.59 -3.62 -13.76
CA VAL A 13 -5.45 -2.55 -14.73
C VAL A 13 -6.26 -1.33 -14.33
N LEU A 14 -5.66 -0.47 -13.50
CA LEU A 14 -6.31 0.74 -13.05
C LEU A 14 -5.29 1.83 -12.74
N ASP A 15 -4.89 2.56 -13.78
CA ASP A 15 -3.91 3.63 -13.63
C ASP A 15 -4.33 4.62 -12.53
N ASN A 16 -5.63 4.72 -12.29
CA ASN A 16 -6.15 5.62 -11.27
C ASN A 16 -6.03 5.00 -9.88
N LYS A 17 -4.81 4.65 -9.50
CA LYS A 17 -4.55 4.03 -8.21
C LYS A 17 -3.07 4.15 -7.85
N ALA A 18 -2.55 5.36 -7.93
CA ALA A 18 -1.14 5.61 -7.60
C ALA A 18 -0.77 5.02 -6.25
N ALA A 19 -1.27 5.64 -5.18
CA ALA A 19 -0.99 5.17 -3.82
C ALA A 19 -1.58 3.79 -3.59
N LEU A 20 -2.77 3.54 -4.14
CA LEU A 20 -3.42 2.25 -3.99
C LEU A 20 -2.48 1.15 -4.45
N ARG A 21 -1.56 1.49 -5.35
CA ARG A 21 -0.59 0.55 -5.86
C ARG A 21 0.57 0.41 -4.88
N ASP A 22 0.89 1.50 -4.20
CA ASP A 22 1.98 1.49 -3.23
C ASP A 22 1.60 0.65 -2.02
N TYR A 23 0.32 0.63 -1.71
CA TYR A 23 -0.17 -0.16 -0.59
C TYR A 23 0.02 -1.64 -0.90
N LEU A 24 0.12 -1.95 -2.19
CA LEU A 24 0.33 -3.31 -2.63
C LEU A 24 1.81 -3.63 -2.70
N ARG A 25 2.62 -2.60 -2.95
CA ARG A 25 4.06 -2.77 -3.02
C ARG A 25 4.69 -2.73 -1.63
N GLN A 26 3.98 -2.11 -0.68
CA GLN A 26 4.47 -2.00 0.67
C GLN A 26 3.94 -3.15 1.53
N ILE A 27 2.82 -3.72 1.12
CA ILE A 27 2.23 -4.84 1.85
C ILE A 27 3.25 -5.96 2.00
N ASN A 28 4.00 -6.19 0.93
CA ASN A 28 5.03 -7.22 0.92
C ASN A 28 6.27 -6.75 1.67
N GLU A 29 6.46 -5.44 1.76
CA GLU A 29 7.60 -4.90 2.47
C GLU A 29 7.26 -4.64 3.93
N TYR A 30 6.32 -5.42 4.43
CA TYR A 30 5.89 -5.33 5.81
C TYR A 30 5.94 -6.71 6.45
N PHE A 31 5.64 -7.72 5.65
CA PHE A 31 5.66 -9.10 6.12
C PHE A 31 6.97 -9.78 5.71
N ALA A 32 7.74 -9.15 4.84
CA ALA A 32 9.02 -9.70 4.39
C ALA A 32 9.95 -9.94 5.57
N ILE A 33 10.12 -8.92 6.40
CA ILE A 33 10.98 -9.01 7.57
C ILE A 33 10.30 -9.78 8.70
N ILE A 34 9.06 -9.41 9.00
CA ILE A 34 8.30 -10.06 10.06
C ILE A 34 8.01 -11.52 9.72
N GLY A 35 8.10 -11.85 8.44
CA GLY A 35 7.83 -13.21 8.01
C GLY A 35 9.06 -14.10 8.11
N ARG A 36 9.99 -13.92 7.17
CA ARG A 36 11.22 -14.71 7.16
C ARG A 36 12.45 -13.81 7.23
N PRO A 37 12.80 -13.35 8.45
CA PRO A 37 13.95 -12.47 8.65
C PRO A 37 15.27 -13.23 8.64
N ARG A 38 15.52 -13.96 7.55
CA ARG A 38 16.75 -14.73 7.42
C ARG A 38 16.90 -15.72 8.57
N PHE A 39 17.89 -16.61 8.47
CA PHE A 39 18.14 -17.61 9.51
C PHE A 39 18.96 -17.00 10.64
N NH2 A 40 18.49 -17.18 11.86
HN1 NH2 A 40 17.64 -17.67 11.97
HN2 NH2 A 40 18.99 -16.80 12.62
N PRO A 1 -7.35 -12.98 13.89
CA PRO A 1 -7.64 -12.09 12.75
C PRO A 1 -8.07 -12.89 11.51
N ASP A 2 -9.34 -13.25 11.47
CA ASP A 2 -9.89 -14.01 10.35
C ASP A 2 -10.59 -13.10 9.35
N LYS A 3 -10.15 -11.84 9.29
CA LYS A 3 -10.74 -10.87 8.39
C LYS A 3 -10.46 -11.23 6.93
N ASP A 4 -10.88 -10.37 6.01
CA ASP A 4 -10.67 -10.61 4.59
C ASP A 4 -11.09 -9.39 3.78
N PHE A 5 -12.21 -8.78 4.15
CA PHE A 5 -12.70 -7.59 3.45
C PHE A 5 -13.04 -7.92 2.00
N ILE A 6 -13.87 -8.93 1.79
CA ILE A 6 -14.27 -9.35 0.46
C ILE A 6 -15.65 -8.81 0.11
N VAL A 7 -15.91 -7.56 0.49
CA VAL A 7 -17.19 -6.94 0.21
C VAL A 7 -17.17 -6.23 -1.14
N ASN A 8 -16.73 -6.94 -2.17
CA ASN A 8 -16.67 -6.39 -3.52
C ASN A 8 -15.76 -5.16 -3.58
N PRO A 9 -14.52 -5.28 -3.06
CA PRO A 9 -13.55 -4.17 -3.06
C PRO A 9 -12.92 -3.96 -4.42
N SER A 10 -13.73 -3.53 -5.39
CA SER A 10 -13.24 -3.29 -6.73
C SER A 10 -14.21 -2.37 -7.49
N ASP A 11 -14.77 -1.41 -6.77
CA ASP A 11 -15.70 -0.46 -7.37
C ASP A 11 -15.84 0.78 -6.50
N LEU A 12 -14.76 1.14 -5.83
CA LEU A 12 -14.74 2.32 -4.96
C LEU A 12 -13.37 2.98 -4.98
N VAL A 13 -12.72 2.96 -6.13
CA VAL A 13 -11.39 3.54 -6.28
C VAL A 13 -10.90 3.42 -7.72
N LEU A 14 -11.66 4.01 -8.65
CA LEU A 14 -11.30 3.97 -10.05
C LEU A 14 -10.98 5.37 -10.57
N ASP A 15 -9.90 5.95 -10.06
CA ASP A 15 -9.47 7.27 -10.47
C ASP A 15 -8.02 7.54 -10.05
N ASN A 16 -7.79 7.57 -8.75
CA ASN A 16 -6.45 7.82 -8.22
C ASN A 16 -5.85 6.54 -7.66
N LYS A 17 -5.35 5.68 -8.54
CA LYS A 17 -4.75 4.42 -8.13
C LYS A 17 -3.23 4.54 -8.02
N ALA A 18 -2.78 5.69 -7.53
CA ALA A 18 -1.36 5.93 -7.36
C ALA A 18 -0.83 5.19 -6.14
N ALA A 19 -1.19 5.66 -4.95
CA ALA A 19 -0.75 5.05 -3.72
C ALA A 19 -1.47 3.73 -3.48
N LEU A 20 -2.69 3.61 -3.99
CA LEU A 20 -3.48 2.39 -3.84
C LEU A 20 -2.68 1.19 -4.33
N ARG A 21 -1.87 1.43 -5.37
CA ARG A 21 -1.04 0.38 -5.94
C ARG A 21 0.24 0.23 -5.14
N ASP A 22 0.72 1.34 -4.58
CA ASP A 22 1.94 1.33 -3.79
C ASP A 22 1.71 0.60 -2.49
N TYR A 23 0.49 0.67 -1.99
CA TYR A 23 0.13 0.00 -0.75
C TYR A 23 0.34 -1.50 -0.93
N LEU A 24 0.11 -1.95 -2.15
CA LEU A 24 0.28 -3.35 -2.49
C LEU A 24 1.76 -3.66 -2.65
N ARG A 25 2.53 -2.65 -3.06
CA ARG A 25 3.96 -2.81 -3.25
C ARG A 25 4.67 -2.90 -1.90
N GLN A 26 4.10 -2.23 -0.91
CA GLN A 26 4.66 -2.24 0.43
C GLN A 26 4.17 -3.44 1.24
N ILE A 27 3.03 -3.98 0.83
CA ILE A 27 2.45 -5.14 1.50
C ILE A 27 3.51 -6.23 1.65
N ASN A 28 4.29 -6.43 0.60
CA ASN A 28 5.35 -7.41 0.60
C ASN A 28 6.52 -6.96 1.45
N GLU A 29 6.69 -5.64 1.57
CA GLU A 29 7.78 -5.09 2.38
C GLU A 29 7.32 -4.90 3.82
N TYR A 30 6.35 -5.71 4.21
CA TYR A 30 5.82 -5.68 5.55
C TYR A 30 5.93 -7.07 6.17
N PHE A 31 5.76 -8.08 5.33
CA PHE A 31 5.85 -9.46 5.77
C PHE A 31 7.30 -9.95 5.71
N ALA A 32 8.15 -9.23 4.98
CA ALA A 32 9.55 -9.61 4.85
C ALA A 32 10.24 -9.60 6.21
N ILE A 33 9.97 -8.58 7.01
CA ILE A 33 10.56 -8.44 8.32
C ILE A 33 9.83 -9.31 9.35
N ILE A 34 8.56 -9.02 9.56
CA ILE A 34 7.74 -9.77 10.51
C ILE A 34 7.60 -11.23 10.10
N GLY A 35 7.86 -11.51 8.83
CA GLY A 35 7.75 -12.88 8.34
C GLY A 35 9.10 -13.53 8.12
N ARG A 36 9.99 -12.82 7.45
CA ARG A 36 11.33 -13.33 7.17
C ARG A 36 11.27 -14.59 6.31
N PRO A 37 12.30 -14.84 5.49
CA PRO A 37 12.35 -16.01 4.62
C PRO A 37 12.10 -17.31 5.37
N ARG A 38 10.95 -17.93 5.12
CA ARG A 38 10.60 -19.18 5.77
C ARG A 38 11.60 -20.28 5.43
N PHE A 39 11.64 -21.32 6.27
CA PHE A 39 12.55 -22.43 6.05
C PHE A 39 14.00 -21.97 6.05
N NH2 A 40 14.28 -20.93 6.84
HN1 NH2 A 40 13.56 -20.54 7.37
HN2 NH2 A 40 15.20 -20.61 6.87
N PRO A 1 -6.86 26.96 9.76
CA PRO A 1 -6.69 28.04 8.76
C PRO A 1 -6.45 27.47 7.36
N ASP A 2 -5.26 26.93 7.15
CA ASP A 2 -4.90 26.35 5.86
C ASP A 2 -4.57 24.87 6.00
N LYS A 3 -5.42 24.02 5.42
CA LYS A 3 -5.22 22.59 5.47
C LYS A 3 -6.28 21.85 4.66
N ASP A 4 -5.84 21.02 3.73
CA ASP A 4 -6.75 20.26 2.88
C ASP A 4 -7.14 18.94 3.53
N PHE A 5 -6.40 18.54 4.57
CA PHE A 5 -6.68 17.29 5.26
C PHE A 5 -7.70 17.50 6.37
N ILE A 6 -8.84 18.09 6.01
CA ILE A 6 -9.91 18.34 6.97
C ILE A 6 -11.27 18.30 6.29
N VAL A 7 -11.76 17.09 6.03
CA VAL A 7 -13.06 16.91 5.38
C VAL A 7 -13.60 15.51 5.61
N ASN A 8 -13.80 15.15 6.88
CA ASN A 8 -14.31 13.84 7.25
C ASN A 8 -13.38 12.74 6.76
N PRO A 9 -12.19 12.61 7.39
CA PRO A 9 -11.20 11.59 7.02
C PRO A 9 -11.76 10.17 7.15
N SER A 10 -12.48 9.73 6.13
CA SER A 10 -13.07 8.40 6.12
C SER A 10 -13.79 8.13 4.80
N ASP A 11 -13.21 8.61 3.71
CA ASP A 11 -13.78 8.43 2.39
C ASP A 11 -12.89 9.03 1.31
N LEU A 12 -11.58 8.89 1.51
CA LEU A 12 -10.61 9.42 0.55
C LEU A 12 -9.56 8.36 0.20
N VAL A 13 -10.00 7.30 -0.44
CA VAL A 13 -9.11 6.22 -0.84
C VAL A 13 -9.55 5.59 -2.16
N LEU A 14 -9.67 6.42 -3.19
CA LEU A 14 -10.08 5.94 -4.51
C LEU A 14 -10.00 7.06 -5.53
N ASP A 15 -8.97 7.89 -5.42
CA ASP A 15 -8.78 9.00 -6.33
C ASP A 15 -8.32 8.50 -7.70
N ASN A 16 -7.15 7.87 -7.73
CA ASN A 16 -6.60 7.35 -8.98
C ASN A 16 -5.71 6.14 -8.70
N LYS A 17 -6.12 5.32 -7.74
CA LYS A 17 -5.38 4.11 -7.36
C LYS A 17 -3.88 4.34 -7.40
N ALA A 18 -3.45 5.53 -7.01
CA ALA A 18 -2.04 5.88 -6.99
C ALA A 18 -1.31 5.15 -5.87
N ALA A 19 -1.47 5.64 -4.65
CA ALA A 19 -0.84 5.02 -3.49
C ALA A 19 -1.37 3.62 -3.27
N LEU A 20 -2.62 3.39 -3.65
CA LEU A 20 -3.23 2.08 -3.50
C LEU A 20 -2.38 1.02 -4.19
N ARG A 21 -1.68 1.43 -5.24
CA ARG A 21 -0.81 0.53 -5.97
C ARG A 21 0.54 0.40 -5.28
N ASP A 22 0.99 1.51 -4.69
CA ASP A 22 2.27 1.51 -3.99
C ASP A 22 2.15 0.69 -2.71
N TYR A 23 0.97 0.69 -2.14
CA TYR A 23 0.72 -0.08 -0.93
C TYR A 23 0.93 -1.55 -1.23
N LEU A 24 0.71 -1.92 -2.49
CA LEU A 24 0.89 -3.29 -2.93
C LEU A 24 2.36 -3.57 -3.15
N ARG A 25 3.11 -2.52 -3.51
CA ARG A 25 4.54 -2.65 -3.75
C ARG A 25 5.28 -2.85 -2.44
N GLN A 26 4.71 -2.34 -1.35
CA GLN A 26 5.31 -2.47 -0.03
C GLN A 26 4.59 -3.50 0.82
N ILE A 27 3.40 -3.91 0.39
CA ILE A 27 2.61 -4.90 1.11
C ILE A 27 3.48 -6.11 1.46
N ASN A 28 4.27 -6.54 0.50
CA ASN A 28 5.15 -7.68 0.69
C ASN A 28 6.38 -7.31 1.50
N GLU A 29 6.77 -6.03 1.45
CA GLU A 29 7.92 -5.56 2.20
C GLU A 29 7.49 -5.07 3.57
N TYR A 30 6.40 -5.62 4.06
CA TYR A 30 5.86 -5.29 5.36
C TYR A 30 5.68 -6.56 6.18
N PHE A 31 5.32 -7.64 5.49
CA PHE A 31 5.12 -8.93 6.13
C PHE A 31 6.40 -9.75 6.09
N ALA A 32 7.35 -9.35 5.25
CA ALA A 32 8.61 -10.06 5.13
C ALA A 32 9.50 -9.82 6.34
N ILE A 33 9.38 -8.64 6.93
CA ILE A 33 10.17 -8.27 8.09
C ILE A 33 9.67 -8.98 9.34
N ILE A 34 8.37 -8.85 9.61
CA ILE A 34 7.76 -9.46 10.77
C ILE A 34 7.95 -10.98 10.76
N GLY A 35 8.24 -11.53 9.59
CA GLY A 35 8.43 -12.96 9.47
C GLY A 35 7.30 -13.65 8.73
N ARG A 36 6.26 -12.89 8.38
CA ARG A 36 5.12 -13.44 7.67
C ARG A 36 4.50 -14.61 8.43
N PRO A 37 3.70 -14.32 9.47
CA PRO A 37 3.05 -15.36 10.27
C PRO A 37 1.95 -16.08 9.51
N ARG A 38 1.94 -17.40 9.60
CA ARG A 38 0.95 -18.21 8.91
C ARG A 38 0.72 -19.53 9.63
N PHE A 39 -0.53 -19.99 9.64
CA PHE A 39 -0.88 -21.24 10.30
C PHE A 39 -1.00 -22.38 9.29
N NH2 A 40 -0.78 -23.61 9.75
HN1 NH2 A 40 -0.58 -23.71 10.70
HN2 NH2 A 40 -0.85 -24.35 9.13
N PRO A 1 -17.90 -18.67 2.12
CA PRO A 1 -17.50 -19.15 3.47
C PRO A 1 -16.43 -18.27 4.08
N ASP A 2 -16.55 -16.96 3.87
CA ASP A 2 -15.59 -16.00 4.40
C ASP A 2 -14.20 -16.23 3.83
N LYS A 3 -13.49 -15.14 3.55
CA LYS A 3 -12.15 -15.22 2.99
C LYS A 3 -11.09 -15.14 4.09
N ASP A 4 -11.44 -14.50 5.21
CA ASP A 4 -10.53 -14.35 6.34
C ASP A 4 -9.15 -13.89 5.87
N PHE A 5 -9.12 -13.14 4.79
CA PHE A 5 -7.86 -12.64 4.23
C PHE A 5 -7.90 -11.12 4.09
N ILE A 6 -7.89 -10.41 5.21
CA ILE A 6 -7.91 -8.96 5.23
C ILE A 6 -8.97 -8.42 4.25
N VAL A 7 -10.22 -8.72 4.52
CA VAL A 7 -11.33 -8.27 3.68
C VAL A 7 -11.91 -6.95 4.17
N ASN A 8 -11.05 -5.94 4.30
CA ASN A 8 -11.48 -4.63 4.76
C ASN A 8 -10.85 -3.52 3.91
N PRO A 9 -11.25 -3.42 2.62
CA PRO A 9 -10.75 -2.41 1.71
C PRO A 9 -11.54 -1.11 1.79
N SER A 10 -11.74 -0.63 3.01
CA SER A 10 -12.48 0.61 3.23
C SER A 10 -11.71 1.56 4.13
N ASP A 11 -10.40 1.61 3.93
CA ASP A 11 -9.55 2.48 4.73
C ASP A 11 -8.20 2.68 4.05
N LEU A 12 -8.22 2.80 2.73
CA LEU A 12 -7.00 3.00 1.95
C LEU A 12 -7.33 3.43 0.53
N VAL A 13 -7.96 4.59 0.40
CA VAL A 13 -8.33 5.12 -0.91
C VAL A 13 -8.46 6.65 -0.87
N LEU A 14 -7.33 7.33 -0.93
CA LEU A 14 -7.31 8.79 -0.91
C LEU A 14 -5.93 9.32 -1.27
N ASP A 15 -5.59 9.24 -2.55
CA ASP A 15 -4.30 9.72 -3.04
C ASP A 15 -4.20 9.57 -4.55
N ASN A 16 -5.32 9.81 -5.25
CA ASN A 16 -5.36 9.69 -6.69
C ASN A 16 -4.95 8.29 -7.14
N LYS A 17 -5.40 7.29 -6.40
CA LYS A 17 -5.10 5.90 -6.72
C LYS A 17 -3.59 5.67 -6.75
N ALA A 18 -2.88 6.35 -5.84
CA ALA A 18 -1.44 6.23 -5.76
C ALA A 18 -1.04 5.04 -4.89
N ALA A 19 -1.41 5.08 -3.62
CA ALA A 19 -1.08 4.01 -2.69
C ALA A 19 -1.73 2.69 -3.11
N LEU A 20 -2.75 2.77 -3.96
CA LEU A 20 -3.44 1.58 -4.44
C LEU A 20 -2.46 0.61 -5.10
N ARG A 21 -1.41 1.16 -5.71
CA ARG A 21 -0.41 0.35 -6.36
C ARG A 21 0.82 0.17 -5.48
N ASP A 22 1.10 1.16 -4.66
CA ASP A 22 2.24 1.11 -3.75
C ASP A 22 1.96 0.13 -2.62
N TYR A 23 0.69 0.06 -2.21
CA TYR A 23 0.29 -0.86 -1.17
C TYR A 23 0.58 -2.28 -1.61
N LEU A 24 0.48 -2.50 -2.90
CA LEU A 24 0.76 -3.80 -3.49
C LEU A 24 2.26 -4.00 -3.65
N ARG A 25 2.98 -2.89 -3.81
CA ARG A 25 4.42 -2.93 -3.97
C ARG A 25 5.11 -3.09 -2.61
N GLN A 26 4.44 -2.63 -1.56
CA GLN A 26 4.98 -2.71 -0.21
C GLN A 26 4.30 -3.82 0.58
N ILE A 27 3.25 -4.41 0.03
CA ILE A 27 2.53 -5.49 0.70
C ILE A 27 3.49 -6.59 1.15
N ASN A 28 4.41 -6.95 0.26
CA ASN A 28 5.39 -7.98 0.55
C ASN A 28 6.55 -7.42 1.36
N GLU A 29 6.81 -6.13 1.21
CA GLU A 29 7.88 -5.48 1.95
C GLU A 29 7.37 -4.93 3.26
N TYR A 30 6.32 -5.56 3.76
CA TYR A 30 5.71 -5.19 5.03
C TYR A 30 5.64 -6.40 5.94
N PHE A 31 5.44 -7.56 5.34
CA PHE A 31 5.37 -8.81 6.08
C PHE A 31 6.75 -9.45 6.19
N ALA A 32 7.68 -9.02 5.33
CA ALA A 32 9.03 -9.56 5.34
C ALA A 32 9.70 -9.36 6.70
N ILE A 33 9.67 -8.11 7.18
CA ILE A 33 10.27 -7.78 8.46
C ILE A 33 9.43 -8.28 9.63
N ILE A 34 8.21 -7.76 9.74
CA ILE A 34 7.30 -8.15 10.81
C ILE A 34 7.00 -9.65 10.76
N GLY A 35 7.24 -10.26 9.61
CA GLY A 35 6.99 -11.70 9.47
C GLY A 35 7.77 -12.52 10.47
N ARG A 36 8.90 -11.99 10.92
CA ARG A 36 9.74 -12.68 11.88
C ARG A 36 10.65 -11.70 12.62
N PRO A 37 10.11 -10.98 13.60
CA PRO A 37 10.87 -10.00 14.39
C PRO A 37 12.04 -10.63 15.12
N ARG A 38 13.14 -9.89 15.25
CA ARG A 38 14.33 -10.38 15.94
C ARG A 38 14.82 -11.67 15.32
N PHE A 39 15.90 -12.21 15.87
CA PHE A 39 16.48 -13.45 15.37
C PHE A 39 16.91 -13.31 13.91
N NH2 A 40 17.32 -12.09 13.54
HN1 NH2 A 40 17.33 -11.38 14.21
HN2 NH2 A 40 17.60 -11.97 12.61
N PRO A 1 -21.54 -17.30 -0.76
CA PRO A 1 -21.65 -17.31 -2.23
C PRO A 1 -21.95 -15.92 -2.78
N ASP A 2 -20.89 -15.17 -3.08
CA ASP A 2 -21.04 -13.83 -3.62
C ASP A 2 -20.50 -13.75 -5.05
N LYS A 3 -21.27 -13.13 -5.93
CA LYS A 3 -20.87 -12.99 -7.33
C LYS A 3 -19.58 -12.18 -7.45
N ASP A 4 -19.63 -10.94 -6.97
CA ASP A 4 -18.45 -10.06 -7.02
C ASP A 4 -17.82 -9.92 -5.65
N PHE A 5 -18.66 -9.95 -4.61
CA PHE A 5 -18.17 -9.82 -3.24
C PHE A 5 -17.51 -8.46 -3.03
N ILE A 6 -18.11 -7.42 -3.58
CA ILE A 6 -17.57 -6.06 -3.45
C ILE A 6 -18.65 -5.09 -2.99
N VAL A 7 -19.34 -5.45 -1.91
CA VAL A 7 -20.40 -4.60 -1.37
C VAL A 7 -19.84 -3.59 -0.38
N ASN A 8 -18.83 -2.84 -0.82
CA ASN A 8 -18.21 -1.83 0.02
C ASN A 8 -17.27 -0.94 -0.80
N PRO A 9 -17.67 0.33 -1.05
CA PRO A 9 -16.86 1.27 -1.83
C PRO A 9 -15.56 1.66 -1.13
N SER A 10 -14.71 0.66 -0.88
CA SER A 10 -13.43 0.89 -0.22
C SER A 10 -13.61 1.75 1.03
N ASP A 11 -14.71 1.53 1.73
CA ASP A 11 -15.02 2.28 2.95
C ASP A 11 -14.86 3.78 2.73
N LEU A 12 -15.25 4.25 1.54
CA LEU A 12 -15.14 5.66 1.20
C LEU A 12 -13.73 6.19 1.42
N VAL A 13 -12.87 5.97 0.42
CA VAL A 13 -11.48 6.42 0.50
C VAL A 13 -10.86 6.54 -0.89
N LEU A 14 -11.59 7.19 -1.80
CA LEU A 14 -11.11 7.37 -3.16
C LEU A 14 -10.41 8.71 -3.32
N ASP A 15 -9.63 9.10 -2.32
CA ASP A 15 -8.90 10.36 -2.35
C ASP A 15 -7.85 10.34 -3.46
N ASN A 16 -7.01 9.32 -3.45
CA ASN A 16 -5.95 9.17 -4.46
C ASN A 16 -5.58 7.72 -4.65
N LYS A 17 -5.48 7.29 -5.90
CA LYS A 17 -5.14 5.91 -6.23
C LYS A 17 -3.64 5.75 -6.44
N ALA A 18 -2.85 6.43 -5.63
CA ALA A 18 -1.40 6.37 -5.74
C ALA A 18 -0.84 5.25 -4.88
N ALA A 19 -1.34 5.14 -3.65
CA ALA A 19 -0.89 4.11 -2.74
C ALA A 19 -1.52 2.77 -3.05
N LEU A 20 -2.59 2.78 -3.85
CA LEU A 20 -3.27 1.55 -4.23
C LEU A 20 -2.30 0.59 -4.90
N ARG A 21 -1.43 1.13 -5.74
CA ARG A 21 -0.43 0.33 -6.43
C ARG A 21 0.79 0.12 -5.56
N ASP A 22 1.09 1.11 -4.72
CA ASP A 22 2.23 1.01 -3.83
C ASP A 22 1.97 0.01 -2.73
N TYR A 23 0.71 -0.09 -2.33
CA TYR A 23 0.32 -1.04 -1.30
C TYR A 23 0.56 -2.45 -1.81
N LEU A 24 0.57 -2.59 -3.14
CA LEU A 24 0.79 -3.87 -3.78
C LEU A 24 2.29 -4.14 -3.91
N ARG A 25 3.07 -3.07 -4.08
CA ARG A 25 4.50 -3.20 -4.21
C ARG A 25 5.19 -3.26 -2.84
N GLN A 26 4.49 -2.79 -1.81
CA GLN A 26 5.02 -2.78 -0.46
C GLN A 26 4.36 -3.87 0.39
N ILE A 27 3.31 -4.49 -0.14
CA ILE A 27 2.60 -5.55 0.58
C ILE A 27 3.58 -6.60 1.10
N ASN A 28 4.54 -6.97 0.24
CA ASN A 28 5.54 -7.96 0.61
C ASN A 28 6.60 -7.33 1.51
N GLU A 29 6.80 -6.03 1.39
CA GLU A 29 7.78 -5.34 2.21
C GLU A 29 7.13 -4.83 3.50
N TYR A 30 6.08 -5.52 3.91
CA TYR A 30 5.35 -5.20 5.12
C TYR A 30 5.27 -6.42 6.02
N PHE A 31 5.19 -7.59 5.39
CA PHE A 31 5.12 -8.84 6.11
C PHE A 31 6.51 -9.44 6.28
N ALA A 32 7.46 -8.99 5.45
CA ALA A 32 8.82 -9.50 5.51
C ALA A 32 9.55 -8.95 6.72
N ILE A 33 9.25 -7.70 7.07
CA ILE A 33 9.88 -7.05 8.22
C ILE A 33 9.39 -7.67 9.54
N ILE A 34 8.13 -8.06 9.57
CA ILE A 34 7.55 -8.67 10.77
C ILE A 34 8.27 -9.96 11.14
N GLY A 35 8.94 -10.56 10.16
CA GLY A 35 9.67 -11.80 10.41
C GLY A 35 9.40 -12.85 9.36
N ARG A 36 8.48 -12.57 8.44
CA ARG A 36 8.14 -13.51 7.38
C ARG A 36 7.47 -14.76 7.95
N PRO A 37 6.26 -14.60 8.51
CA PRO A 37 5.51 -15.73 9.10
C PRO A 37 5.35 -16.89 8.12
N ARG A 38 6.15 -17.94 8.32
CA ARG A 38 6.10 -19.11 7.46
C ARG A 38 4.73 -19.78 7.52
N PHE A 39 4.21 -20.17 6.37
CA PHE A 39 2.91 -20.83 6.29
C PHE A 39 3.01 -22.14 5.52
N NH2 A 40 2.99 -23.25 6.25
HN1 NH2 A 40 2.93 -23.17 7.22
HN2 NH2 A 40 3.06 -24.11 5.78
N PRO A 1 -16.13 -17.42 -11.87
CA PRO A 1 -14.95 -17.10 -12.70
C PRO A 1 -14.35 -15.75 -12.30
N ASP A 2 -15.10 -14.68 -12.55
CA ASP A 2 -14.65 -13.33 -12.23
C ASP A 2 -15.83 -12.41 -11.95
N LYS A 3 -16.20 -12.30 -10.68
CA LYS A 3 -17.32 -11.46 -10.27
C LYS A 3 -17.04 -10.80 -8.92
N ASP A 4 -15.81 -10.32 -8.74
CA ASP A 4 -15.42 -9.67 -7.49
C ASP A 4 -14.00 -9.14 -7.58
N PHE A 5 -13.80 -8.10 -8.39
CA PHE A 5 -12.48 -7.50 -8.55
C PHE A 5 -11.51 -8.50 -9.16
N ILE A 6 -11.46 -8.54 -10.49
CA ILE A 6 -10.57 -9.46 -11.20
C ILE A 6 -10.03 -8.81 -12.48
N VAL A 7 -9.01 -7.98 -12.32
CA VAL A 7 -8.39 -7.30 -13.45
C VAL A 7 -9.41 -6.43 -14.18
N ASN A 8 -9.46 -5.16 -13.81
CA ASN A 8 -10.39 -4.21 -14.42
C ASN A 8 -11.84 -4.61 -14.14
N PRO A 9 -12.37 -4.25 -12.96
CA PRO A 9 -13.75 -4.56 -12.57
C PRO A 9 -14.76 -3.71 -13.33
N SER A 10 -15.16 -4.19 -14.50
CA SER A 10 -16.14 -3.47 -15.32
C SER A 10 -15.62 -2.10 -15.72
N ASP A 11 -14.32 -2.03 -16.02
CA ASP A 11 -13.69 -0.76 -16.42
C ASP A 11 -13.85 0.29 -15.33
N LEU A 12 -13.70 -0.13 -14.08
CA LEU A 12 -13.82 0.79 -12.95
C LEU A 12 -12.46 1.03 -12.29
N VAL A 13 -11.59 1.75 -12.99
CA VAL A 13 -10.26 2.05 -12.48
C VAL A 13 -9.68 3.29 -13.14
N LEU A 14 -10.08 4.46 -12.67
CA LEU A 14 -9.60 5.72 -13.22
C LEU A 14 -10.12 6.91 -12.41
N ASP A 15 -9.34 7.34 -11.43
CA ASP A 15 -9.73 8.46 -10.59
C ASP A 15 -8.62 8.79 -9.58
N ASN A 16 -8.10 7.75 -8.94
CA ASN A 16 -7.03 7.91 -7.96
C ASN A 16 -6.60 6.56 -7.40
N LYS A 17 -5.42 6.10 -7.82
CA LYS A 17 -4.90 4.82 -7.37
C LYS A 17 -3.38 4.88 -7.21
N ALA A 18 -2.90 6.01 -6.71
CA ALA A 18 -1.46 6.19 -6.49
C ALA A 18 -0.94 5.23 -5.43
N ALA A 19 -1.20 5.56 -4.17
CA ALA A 19 -0.76 4.73 -3.06
C ALA A 19 -1.42 3.36 -3.11
N LEU A 20 -2.62 3.31 -3.68
CA LEU A 20 -3.35 2.04 -3.80
C LEU A 20 -2.47 0.99 -4.46
N ARG A 21 -1.61 1.43 -5.37
CA ARG A 21 -0.71 0.53 -6.07
C ARG A 21 0.53 0.27 -5.24
N ASP A 22 0.95 1.30 -4.51
CA ASP A 22 2.13 1.18 -3.66
C ASP A 22 1.85 0.23 -2.50
N TYR A 23 0.60 0.21 -2.07
CA TYR A 23 0.19 -0.67 -0.98
C TYR A 23 0.43 -2.11 -1.39
N LEU A 24 0.31 -2.36 -2.68
CA LEU A 24 0.53 -3.69 -3.22
C LEU A 24 2.02 -3.95 -3.39
N ARG A 25 2.77 -2.88 -3.62
CA ARG A 25 4.21 -2.98 -3.80
C ARG A 25 4.91 -3.07 -2.45
N GLN A 26 4.28 -2.51 -1.43
CA GLN A 26 4.85 -2.52 -0.09
C GLN A 26 4.27 -3.67 0.74
N ILE A 27 3.15 -4.23 0.28
CA ILE A 27 2.51 -5.34 0.98
C ILE A 27 3.53 -6.41 1.33
N ASN A 28 4.40 -6.72 0.38
CA ASN A 28 5.44 -7.72 0.57
C ASN A 28 6.58 -7.17 1.42
N GLU A 29 6.77 -5.85 1.36
CA GLU A 29 7.81 -5.22 2.14
C GLU A 29 7.29 -4.79 3.51
N TYR A 30 6.28 -5.52 3.97
CA TYR A 30 5.67 -5.27 5.26
C TYR A 30 5.66 -6.56 6.07
N PHE A 31 5.50 -7.68 5.37
CA PHE A 31 5.50 -8.98 6.00
C PHE A 31 6.89 -9.59 6.01
N ALA A 32 7.78 -9.05 5.16
CA ALA A 32 9.15 -9.56 5.09
C ALA A 32 9.88 -9.38 6.42
N ILE A 33 9.64 -8.24 7.06
CA ILE A 33 10.28 -7.95 8.34
C ILE A 33 9.63 -8.74 9.48
N ILE A 34 8.37 -8.45 9.76
CA ILE A 34 7.64 -9.12 10.82
C ILE A 34 7.48 -10.62 10.53
N GLY A 35 7.62 -10.99 9.26
CA GLY A 35 7.49 -12.39 8.89
C GLY A 35 8.76 -13.17 9.08
N ARG A 36 9.57 -13.24 8.04
CA ARG A 36 10.83 -13.98 8.09
C ARG A 36 10.60 -15.44 8.49
N PRO A 37 10.01 -16.23 7.58
CA PRO A 37 9.73 -17.65 7.84
C PRO A 37 11.01 -18.49 7.93
N ARG A 38 11.55 -18.60 9.14
CA ARG A 38 12.76 -19.37 9.37
C ARG A 38 12.52 -20.85 9.09
N PHE A 39 13.49 -21.49 8.45
CA PHE A 39 13.37 -22.92 8.13
C PHE A 39 14.75 -23.60 8.20
N NH2 A 40 15.70 -23.07 7.44
HN1 NH2 A 40 15.48 -22.29 6.90
HN2 NH2 A 40 16.59 -23.48 7.46
N PRO A 1 18.52 19.06 3.92
CA PRO A 1 17.20 19.03 4.58
C PRO A 1 16.07 19.00 3.56
N ASP A 2 15.78 17.81 3.04
CA ASP A 2 14.71 17.64 2.07
C ASP A 2 13.65 16.69 2.59
N LYS A 3 12.38 17.03 2.36
CA LYS A 3 11.27 16.19 2.80
C LYS A 3 9.94 16.77 2.34
N ASP A 4 8.92 15.92 2.28
CA ASP A 4 7.59 16.35 1.85
C ASP A 4 6.57 16.24 2.99
N PHE A 5 6.98 15.60 4.09
CA PHE A 5 6.10 15.42 5.24
C PHE A 5 4.92 14.52 4.89
N ILE A 6 5.16 13.21 4.92
CA ILE A 6 4.11 12.24 4.60
C ILE A 6 4.41 10.89 5.25
N VAL A 7 4.43 10.88 6.59
CA VAL A 7 4.70 9.67 7.34
C VAL A 7 3.40 8.95 7.71
N ASN A 8 2.47 8.88 6.76
CA ASN A 8 1.19 8.21 7.00
C ASN A 8 0.34 8.24 5.73
N PRO A 9 0.65 7.36 4.76
CA PRO A 9 -0.11 7.27 3.51
C PRO A 9 -1.50 6.67 3.71
N SER A 10 -2.32 7.33 4.50
CA SER A 10 -3.67 6.87 4.76
C SER A 10 -4.67 8.02 4.70
N ASP A 11 -4.43 8.94 3.78
CA ASP A 11 -5.31 10.09 3.60
C ASP A 11 -5.12 10.71 2.23
N LEU A 12 -4.87 9.86 1.24
CA LEU A 12 -4.67 10.30 -0.13
C LEU A 12 -5.23 9.29 -1.12
N VAL A 13 -6.55 9.27 -1.24
CA VAL A 13 -7.23 8.35 -2.14
C VAL A 13 -7.80 9.09 -3.35
N LEU A 14 -6.93 9.79 -4.08
CA LEU A 14 -7.34 10.54 -5.25
C LEU A 14 -6.13 10.92 -6.10
N ASP A 15 -5.65 9.97 -6.88
CA ASP A 15 -4.50 10.20 -7.75
C ASP A 15 -4.27 9.02 -8.69
N ASN A 16 -5.36 8.53 -9.28
CA ASN A 16 -5.29 7.41 -10.21
C ASN A 16 -4.75 6.16 -9.52
N LYS A 17 -5.24 5.89 -8.31
CA LYS A 17 -4.81 4.73 -7.54
C LYS A 17 -3.31 4.78 -7.28
N ALA A 18 -2.82 5.96 -6.93
CA ALA A 18 -1.40 6.15 -6.64
C ALA A 18 -0.95 5.24 -5.50
N ALA A 19 -1.26 5.64 -4.27
CA ALA A 19 -0.88 4.87 -3.10
C ALA A 19 -1.52 3.49 -3.12
N LEU A 20 -2.71 3.40 -3.70
CA LEU A 20 -3.43 2.14 -3.80
C LEU A 20 -2.53 1.06 -4.42
N ARG A 21 -1.64 1.49 -5.30
CA ARG A 21 -0.72 0.59 -5.96
C ARG A 21 0.52 0.37 -5.10
N ASP A 22 0.89 1.39 -4.34
CA ASP A 22 2.05 1.30 -3.47
C ASP A 22 1.79 0.35 -2.32
N TYR A 23 0.53 0.32 -1.88
CA TYR A 23 0.14 -0.57 -0.79
C TYR A 23 0.40 -2.01 -1.22
N LEU A 24 0.27 -2.25 -2.51
CA LEU A 24 0.51 -3.58 -3.06
C LEU A 24 2.01 -3.81 -3.22
N ARG A 25 2.75 -2.72 -3.43
CA ARG A 25 4.19 -2.81 -3.60
C ARG A 25 4.87 -2.99 -2.25
N GLN A 26 4.24 -2.47 -1.20
CA GLN A 26 4.78 -2.58 0.14
C GLN A 26 4.22 -3.79 0.88
N ILE A 27 3.12 -4.35 0.36
CA ILE A 27 2.50 -5.50 0.98
C ILE A 27 3.53 -6.59 1.27
N ASN A 28 4.40 -6.83 0.30
CA ASN A 28 5.45 -7.82 0.44
C ASN A 28 6.59 -7.29 1.29
N GLU A 29 6.76 -5.97 1.30
CA GLU A 29 7.82 -5.36 2.10
C GLU A 29 7.30 -5.02 3.49
N TYR A 30 6.31 -5.77 3.93
CA TYR A 30 5.71 -5.60 5.23
C TYR A 30 5.76 -6.92 6.00
N PHE A 31 5.64 -8.01 5.25
CA PHE A 31 5.68 -9.34 5.84
C PHE A 31 7.12 -9.87 5.87
N ALA A 32 8.01 -9.25 5.09
CA ALA A 32 9.40 -9.65 5.06
C ALA A 32 10.06 -9.50 6.42
N ILE A 33 9.86 -8.33 7.03
CA ILE A 33 10.44 -8.05 8.34
C ILE A 33 9.52 -8.55 9.46
N ILE A 34 8.32 -8.00 9.51
CA ILE A 34 7.35 -8.36 10.54
C ILE A 34 6.94 -9.82 10.43
N GLY A 35 7.19 -10.43 9.27
CA GLY A 35 6.83 -11.82 9.06
C GLY A 35 8.04 -12.71 8.89
N ARG A 36 9.10 -12.45 9.68
CA ARG A 36 10.32 -13.24 9.61
C ARG A 36 11.34 -12.74 10.62
N PRO A 37 12.25 -13.62 11.07
CA PRO A 37 13.29 -13.26 12.03
C PRO A 37 14.09 -12.04 11.60
N ARG A 38 15.11 -11.70 12.38
CA ARG A 38 15.95 -10.54 12.08
C ARG A 38 17.08 -10.42 13.10
N PHE A 39 18.30 -10.75 12.66
CA PHE A 39 19.47 -10.68 13.53
C PHE A 39 20.73 -11.05 12.77
N NH2 A 40 21.82 -10.34 13.05
HN1 NH2 A 40 21.75 -9.64 13.72
HN2 NH2 A 40 22.65 -10.57 12.57
#